data_3C6T
#
_entry.id   3C6T
#
_cell.length_a   118.292
_cell.length_b   154.506
_cell.length_c   155.703
_cell.angle_alpha   90.00
_cell.angle_beta   90.00
_cell.angle_gamma   90.00
#
_symmetry.space_group_name_H-M   'C 2 2 21'
#
loop_
_entity.id
_entity.type
_entity.pdbx_description
1 polymer 'Reverse transcriptase'
2 polymer 'Reverse transcriptase'
3 non-polymer 2-[3-chloro-5-(3-chloro-5-cyanophenoxy)phenoxy]-N-(2-chloro-4-sulfamoylphenyl)acetamide
4 water water
#
loop_
_entity_poly.entity_id
_entity_poly.type
_entity_poly.pdbx_seq_one_letter_code
_entity_poly.pdbx_strand_id
1 'polypeptide(L)'
;MNSPISPIETVPVKLKPGMDGPKVKQWPLTEEKIKALVEICTEMEKEGKISKIGPENPYNTPVFAIKKKDSTKWRKLVDF
RELNKRTQDFWEVQLGIPHPAGLKKKKSVTVLDVGDAYFSVPLDEDFRKYTAFTIPSINNETPGIRYQYNVLPQGWKGSP
AIFQSSMTKILEPFRKQNPDIVIYQYMDDLYVGSDLEIGQHRTKIEELRQHLLRWGLTTPDKKHQKEPPFLWMGYELHPD
KWTVQPIVLPEKDSWTVNDIQKLVGKLNWASQIYPGIKVRQLCKLLRGTKALTEVIPLTEEAELELAENREILKEPVHGV
YYDPSKDLIAEIQKQGQGQWTYQIYQEPFKNLKTGKYARMRGAHTNDVKQLTEAVQKITTESIVIWGKTPKFKLPIQKET
WETWWTEYWQATWIPEWEFVNTPPLVKLWYQLEKEPIVGAETFYVDGAANRETKLGKAGYVTNRGRQKVVTLTDTTNQKT
ELQAIYLALQDSGLEVNIVTDSQYALGIIQAQPDQSESELVNQIIEQLIKKEKVYLAWVPAHKGIGGNEQVDKLVSAGIR
KVL
;
A
2 'polypeptide(L)'
;MNSPISPIETVPVKLKPGMDGPKVKQWPLTEEKIKALVEICTEMEKEGKISKIGPENPYNTPVFAIKKKDSTKWRKLVDF
RELNKRTQDFWEVQLGIPHPAGLKKKKSVTVLDVGDAYFSVPLDEDFRKYTAFTIPSINNETPGIRYQYNVLPQGWKGSP
AIFQSSMTKILEPFRKQNPDIVIYQYMDDLYVGSDLEIGQHRTKIEELRQHLLRWGLTTPDKKHQKEPPFLWMGYELHPD
KWTVQPIVLPEKDSWTVNDIQKLVGKLNWASQIYPGIKVRQLCKLLRGTKALTEVIPLTEEAELELAENREILKEPVHGV
YYDPSKDLIAEIQKQGQGQWTYQIYQEPFKNLKTGKYARMRGAHTNDVKQLTEAVQKITTESIVIWGKTPKFKLPIQKET
WETWWTEYWQATWIPEWEFVNTPPLVKLWYQLEKEPIVGAETF
;
B
#
loop_
_chem_comp.id
_chem_comp.type
_chem_comp.name
_chem_comp.formula
M14 non-polymer 2-[3-chloro-5-(3-chloro-5-cyanophenoxy)phenoxy]-N-(2-chloro-4-sulfamoylphenyl)acetamide 'C21 H14 Cl3 N3 O5 S'
#
# COMPACT_ATOMS: atom_id res chain seq x y z
N ASN A 2 40.66 -25.50 11.05
CA ASN A 2 39.50 -25.74 10.14
C ASN A 2 39.13 -24.68 9.05
N SER A 3 38.31 -23.67 9.39
CA SER A 3 37.27 -23.13 8.51
C SER A 3 37.33 -21.68 7.97
N PRO A 4 38.51 -21.17 7.57
CA PRO A 4 39.08 -19.82 7.48
C PRO A 4 38.18 -18.67 7.88
N ILE A 5 38.75 -17.58 8.37
CA ILE A 5 37.96 -16.45 8.87
C ILE A 5 38.29 -15.21 8.04
N SER A 6 37.34 -14.81 7.21
CA SER A 6 37.57 -13.89 6.14
C SER A 6 38.32 -12.66 6.55
N PRO A 7 39.33 -12.28 5.74
CA PRO A 7 40.03 -11.04 5.92
C PRO A 7 39.15 -9.81 5.96
N ILE A 8 37.87 -9.89 5.58
CA ILE A 8 37.19 -8.63 5.28
C ILE A 8 37.09 -7.71 6.46
N GLU A 9 36.72 -6.48 6.16
CA GLU A 9 36.51 -5.47 7.14
C GLU A 9 35.39 -5.89 8.10
N THR A 10 35.06 -5.06 9.06
CA THR A 10 34.16 -5.52 10.06
C THR A 10 32.97 -4.60 10.08
N VAL A 11 31.84 -5.05 10.68
CA VAL A 11 30.65 -4.18 10.81
C VAL A 11 30.48 -3.65 12.22
N PRO A 12 30.61 -2.35 12.43
CA PRO A 12 30.55 -1.83 13.78
C PRO A 12 29.21 -2.02 14.41
N VAL A 13 29.07 -3.05 15.22
CA VAL A 13 27.80 -3.24 15.91
C VAL A 13 27.71 -2.37 17.15
N LYS A 14 26.48 -2.15 17.60
CA LYS A 14 26.18 -1.40 18.81
C LYS A 14 25.06 -2.07 19.60
N LEU A 15 24.80 -1.51 20.79
CA LEU A 15 23.77 -2.00 21.66
C LEU A 15 22.71 -0.96 21.64
N LYS A 16 21.52 -1.31 22.08
CA LYS A 16 20.46 -0.32 22.17
C LYS A 16 20.77 0.81 23.18
N PRO A 17 20.62 2.07 22.74
CA PRO A 17 20.62 3.21 23.67
C PRO A 17 19.93 2.91 25.00
N GLY A 18 20.58 3.26 26.10
CA GLY A 18 19.98 3.01 27.40
C GLY A 18 20.35 1.67 28.01
N MET A 19 20.98 0.78 27.20
CA MET A 19 21.20 -0.61 27.62
C MET A 19 22.67 -0.99 27.63
N ASP A 20 23.07 -1.79 28.63
CA ASP A 20 24.43 -2.41 28.71
C ASP A 20 24.27 -3.88 28.31
N GLY A 21 25.36 -4.62 28.17
CA GLY A 21 25.33 -6.00 27.69
C GLY A 21 24.65 -6.99 28.63
N PRO A 22 24.58 -8.28 28.23
CA PRO A 22 23.91 -9.17 29.19
C PRO A 22 24.83 -9.45 30.38
N LYS A 23 24.21 -9.78 31.50
CA LYS A 23 24.88 -10.22 32.73
C LYS A 23 24.04 -11.33 33.33
N VAL A 24 23.92 -12.45 32.64
CA VAL A 24 23.04 -13.50 33.14
C VAL A 24 23.79 -14.67 33.73
N LYS A 25 23.23 -15.18 34.83
CA LYS A 25 23.83 -16.22 35.65
C LYS A 25 23.88 -17.57 34.90
N GLN A 26 25.05 -18.21 34.94
CA GLN A 26 25.23 -19.54 34.36
C GLN A 26 24.67 -20.56 35.32
N TRP A 27 23.72 -21.36 34.83
CA TRP A 27 23.11 -22.44 35.61
C TRP A 27 24.20 -23.49 35.85
N PRO A 28 24.15 -24.19 36.99
CA PRO A 28 25.05 -25.35 37.23
C PRO A 28 24.84 -26.53 36.27
N LEU A 29 25.90 -26.96 35.58
CA LEU A 29 25.78 -28.07 34.62
C LEU A 29 26.31 -29.43 35.15
N THR A 30 25.83 -30.55 34.60
CA THR A 30 26.38 -31.89 34.96
C THR A 30 27.86 -32.06 34.52
N GLU A 31 28.53 -33.08 35.02
CA GLU A 31 29.92 -33.32 34.63
C GLU A 31 30.12 -33.65 33.15
N GLU A 32 29.30 -34.56 32.64
CA GLU A 32 29.34 -34.90 31.22
C GLU A 32 29.16 -33.69 30.31
N LYS A 33 28.34 -32.76 30.76
CA LYS A 33 28.00 -31.58 30.00
C LYS A 33 29.18 -30.63 29.99
N ILE A 34 29.73 -30.40 31.18
CA ILE A 34 30.92 -29.59 31.35
C ILE A 34 32.05 -30.18 30.49
N LYS A 35 32.24 -31.50 30.54
CA LYS A 35 33.24 -32.16 29.70
C LYS A 35 32.97 -31.90 28.21
N ALA A 36 31.84 -32.37 27.73
CA ALA A 36 31.50 -32.15 26.33
C ALA A 36 31.78 -30.67 25.94
N LEU A 37 31.19 -29.72 26.66
CA LEU A 37 31.49 -28.33 26.39
C LEU A 37 32.97 -28.04 26.31
N VAL A 38 33.76 -28.50 27.30
CA VAL A 38 35.22 -28.26 27.29
C VAL A 38 35.88 -28.78 26.00
N GLU A 39 35.52 -29.99 25.53
CA GLU A 39 36.06 -30.51 24.24
C GLU A 39 35.66 -29.57 23.10
N ILE A 40 34.39 -29.20 23.06
CA ILE A 40 33.91 -28.33 22.01
C ILE A 40 34.62 -26.99 22.02
N CYS A 41 34.74 -26.39 23.20
CA CYS A 41 35.26 -25.04 23.27
C CYS A 41 36.74 -25.00 23.00
N THR A 42 37.45 -26.10 23.28
CA THR A 42 38.87 -26.04 23.03
C THR A 42 39.11 -26.18 21.54
N GLU A 43 38.31 -27.00 20.87
CA GLU A 43 38.39 -27.14 19.42
C GLU A 43 38.10 -25.82 18.67
N MET A 44 36.98 -25.18 18.98
CA MET A 44 36.67 -23.86 18.41
C MET A 44 37.73 -22.82 18.69
N GLU A 45 38.23 -22.74 19.92
CA GLU A 45 39.37 -21.88 20.20
C GLU A 45 40.59 -22.18 19.32
N LYS A 46 40.90 -23.47 19.09
CA LYS A 46 42.01 -23.82 18.22
C LYS A 46 41.85 -23.28 16.80
N GLU A 47 40.61 -22.97 16.39
CA GLU A 47 40.30 -22.59 15.00
C GLU A 47 40.06 -21.11 14.83
N GLY A 48 40.11 -20.37 15.94
CA GLY A 48 40.04 -18.89 15.92
C GLY A 48 38.63 -18.40 16.17
N LYS A 49 37.69 -19.36 16.16
CA LYS A 49 36.28 -19.12 16.38
C LYS A 49 36.00 -18.45 17.75
N ILE A 50 36.66 -18.91 18.83
CA ILE A 50 36.53 -18.28 20.18
C ILE A 50 37.86 -18.01 20.92
N SER A 51 37.79 -17.29 22.04
CA SER A 51 39.01 -16.86 22.76
C SER A 51 38.86 -16.76 24.25
N LYS A 52 39.92 -17.11 24.99
CA LYS A 52 39.89 -17.03 26.44
C LYS A 52 39.89 -15.58 26.94
N ILE A 53 39.23 -15.34 28.07
CA ILE A 53 39.27 -14.02 28.70
C ILE A 53 39.24 -14.21 30.21
N GLY A 54 39.70 -13.22 30.97
CA GLY A 54 39.64 -13.33 32.43
C GLY A 54 38.24 -12.99 32.91
N PRO A 55 37.96 -13.10 34.25
CA PRO A 55 36.68 -12.68 34.90
C PRO A 55 36.48 -11.17 35.13
N GLU A 56 37.45 -10.37 34.66
CA GLU A 56 37.34 -8.89 34.62
C GLU A 56 36.23 -8.40 33.69
N ASN A 57 36.01 -9.12 32.60
CA ASN A 57 34.91 -8.84 31.70
C ASN A 57 33.61 -9.28 32.37
N PRO A 58 32.71 -8.31 32.58
CA PRO A 58 31.52 -8.47 33.45
C PRO A 58 30.28 -9.11 32.83
N TYR A 59 30.36 -9.45 31.55
CA TYR A 59 29.18 -9.88 30.79
C TYR A 59 29.03 -11.39 30.78
N ASN A 60 27.83 -11.90 30.69
CA ASN A 60 27.69 -13.32 30.58
C ASN A 60 26.33 -13.77 30.00
N THR A 61 26.39 -14.90 29.26
CA THR A 61 25.31 -15.48 28.52
C THR A 61 25.32 -16.98 28.77
N PRO A 62 24.18 -17.56 29.20
CA PRO A 62 24.02 -19.02 29.45
C PRO A 62 24.49 -19.93 28.33
N VAL A 63 25.19 -21.00 28.72
CA VAL A 63 25.50 -22.12 27.79
C VAL A 63 24.89 -23.43 28.25
N PHE A 64 24.55 -24.27 27.29
CA PHE A 64 23.96 -25.57 27.52
C PHE A 64 24.64 -26.56 26.57
N ALA A 65 24.43 -27.85 26.78
CA ALA A 65 24.85 -28.85 25.82
C ALA A 65 23.86 -29.98 25.80
N ILE A 66 23.26 -30.21 24.65
CA ILE A 66 22.46 -31.40 24.46
C ILE A 66 23.17 -32.39 23.57
N LYS A 67 22.94 -33.67 23.86
CA LYS A 67 23.50 -34.76 23.09
C LYS A 67 22.82 -34.87 21.72
N LYS A 68 21.85 -35.76 21.55
CA LYS A 68 21.37 -36.03 20.21
C LYS A 68 20.41 -37.22 20.08
N LYS A 69 19.33 -36.99 19.34
CA LYS A 69 18.43 -38.06 18.87
C LYS A 69 19.20 -38.92 17.84
N ASP A 70 19.80 -39.98 18.37
CA ASP A 70 20.55 -40.94 17.57
C ASP A 70 22.03 -40.89 17.93
N SER A 71 22.82 -40.21 17.09
CA SER A 71 24.28 -40.21 17.25
C SER A 71 24.78 -39.71 18.64
N THR A 72 26.10 -39.74 18.82
CA THR A 72 26.74 -39.63 20.14
C THR A 72 27.59 -38.38 20.27
N LYS A 73 27.35 -37.45 19.36
CA LYS A 73 28.08 -36.20 19.39
C LYS A 73 27.19 -35.16 20.09
N TRP A 74 27.82 -34.30 20.88
CA TRP A 74 27.17 -33.28 21.68
C TRP A 74 27.12 -31.98 20.92
N ARG A 75 26.08 -31.18 21.17
CA ARG A 75 26.07 -29.82 20.63
C ARG A 75 26.16 -28.80 21.76
N LYS A 76 26.95 -27.75 21.53
CA LYS A 76 26.92 -26.56 22.37
C LYS A 76 25.75 -25.66 22.01
N LEU A 77 25.02 -25.18 23.00
CA LEU A 77 23.93 -24.21 22.77
C LEU A 77 24.11 -22.98 23.60
N VAL A 78 23.94 -21.83 22.97
CA VAL A 78 24.07 -20.57 23.70
C VAL A 78 22.71 -19.89 23.72
N ASP A 79 22.21 -19.57 24.90
CA ASP A 79 20.94 -18.89 24.96
C ASP A 79 21.19 -17.38 24.74
N PHE A 80 21.05 -16.89 23.51
CA PHE A 80 21.34 -15.47 23.28
C PHE A 80 20.16 -14.49 23.52
N ARG A 81 19.12 -14.95 24.19
CA ARG A 81 17.92 -14.13 24.42
C ARG A 81 18.21 -12.72 24.94
N GLU A 82 19.02 -12.61 26.00
CA GLU A 82 19.39 -11.31 26.53
C GLU A 82 20.24 -10.44 25.62
N LEU A 83 21.30 -10.96 25.03
CA LEU A 83 22.13 -10.13 24.16
C LEU A 83 21.29 -9.61 22.98
N ASN A 84 20.46 -10.51 22.43
CA ASN A 84 19.55 -10.19 21.34
C ASN A 84 18.63 -9.04 21.71
N LYS A 85 18.17 -9.03 22.94
CA LYS A 85 17.25 -8.02 23.30
C LYS A 85 18.04 -6.74 23.61
N ARG A 86 19.36 -6.76 23.57
CA ARG A 86 20.14 -5.54 23.83
C ARG A 86 20.86 -5.00 22.59
N THR A 87 20.98 -5.86 21.57
CA THR A 87 21.61 -5.50 20.32
C THR A 87 20.73 -4.55 19.52
N GLN A 88 21.32 -3.53 18.92
CA GLN A 88 20.65 -2.68 17.96
C GLN A 88 19.82 -3.49 16.95
N ASP A 89 18.83 -2.83 16.35
CA ASP A 89 18.10 -3.43 15.25
C ASP A 89 18.98 -3.29 14.04
N PHE A 90 18.90 -4.29 13.15
CA PHE A 90 19.57 -4.25 11.88
C PHE A 90 18.53 -4.10 10.81
N TRP A 91 19.01 -3.78 9.61
CA TRP A 91 18.21 -3.76 8.42
C TRP A 91 17.58 -5.13 8.13
N GLU A 92 16.31 -5.12 7.74
CA GLU A 92 15.67 -6.34 7.32
C GLU A 92 16.52 -6.97 6.28
N VAL A 93 16.96 -8.19 6.55
CA VAL A 93 17.95 -8.87 5.72
C VAL A 93 17.42 -8.83 4.27
N GLN A 94 16.58 -9.80 3.93
CA GLN A 94 15.86 -9.80 2.64
C GLN A 94 14.39 -9.43 2.81
N LEU A 95 13.78 -8.88 1.77
CA LEU A 95 12.34 -8.66 1.80
C LEU A 95 11.63 -9.33 0.62
N GLY A 96 11.43 -10.66 0.70
CA GLY A 96 10.92 -11.47 -0.42
C GLY A 96 11.91 -12.56 -0.84
N ILE A 97 11.45 -13.77 -1.14
CA ILE A 97 12.33 -14.82 -1.66
C ILE A 97 12.15 -15.04 -3.18
N PRO A 98 13.22 -15.44 -3.90
CA PRO A 98 12.99 -15.59 -5.36
C PRO A 98 11.86 -16.56 -5.67
N HIS A 99 11.08 -16.22 -6.71
CA HIS A 99 10.10 -17.15 -7.22
C HIS A 99 10.62 -17.90 -8.45
N PRO A 100 10.41 -19.23 -8.46
CA PRO A 100 10.94 -19.95 -9.63
C PRO A 100 10.53 -19.35 -10.94
N ALA A 101 9.31 -18.83 -11.07
CA ALA A 101 8.83 -18.38 -12.39
C ALA A 101 9.51 -17.08 -12.84
N GLY A 102 10.23 -16.45 -11.90
CA GLY A 102 10.98 -15.22 -12.22
C GLY A 102 12.42 -15.52 -12.61
N LEU A 103 12.81 -16.81 -12.50
CA LEU A 103 14.14 -17.26 -12.85
C LEU A 103 14.43 -17.21 -14.35
N LYS A 104 15.34 -16.32 -14.79
CA LYS A 104 15.73 -16.21 -16.21
C LYS A 104 16.29 -17.54 -16.62
N LYS A 105 15.88 -18.01 -17.81
CA LYS A 105 16.32 -19.26 -18.39
C LYS A 105 17.77 -19.12 -18.79
N LYS A 106 18.59 -19.99 -18.22
CA LYS A 106 20.04 -19.95 -18.41
C LYS A 106 20.58 -21.19 -19.08
N LYS A 107 21.66 -21.07 -19.84
CA LYS A 107 22.25 -22.29 -20.42
C LYS A 107 22.77 -23.25 -19.33
N SER A 108 23.57 -22.74 -18.38
CA SER A 108 24.03 -23.56 -17.23
C SER A 108 23.87 -22.82 -15.90
N VAL A 109 23.58 -23.56 -14.83
CA VAL A 109 23.61 -23.00 -13.47
C VAL A 109 24.22 -24.02 -12.51
N THR A 110 24.91 -23.53 -11.49
CA THR A 110 25.42 -24.42 -10.46
C THR A 110 25.14 -23.89 -9.04
N VAL A 111 24.89 -24.79 -8.10
CA VAL A 111 24.68 -24.33 -6.73
C VAL A 111 25.94 -24.36 -5.86
N LEU A 112 26.23 -23.23 -5.22
CA LEU A 112 27.33 -23.10 -4.28
C LEU A 112 26.87 -22.76 -2.88
N ASP A 113 26.74 -23.73 -2.00
CA ASP A 113 26.52 -23.37 -0.60
C ASP A 113 27.84 -23.10 0.11
N VAL A 114 27.88 -22.07 0.93
CA VAL A 114 29.08 -21.71 1.66
C VAL A 114 29.11 -22.60 2.89
N GLY A 115 30.29 -23.22 3.14
CA GLY A 115 30.52 -24.05 4.32
C GLY A 115 30.81 -23.20 5.55
N ASP A 116 30.16 -23.60 6.64
CA ASP A 116 30.25 -22.90 7.91
C ASP A 116 30.20 -21.38 7.84
N ALA A 117 29.08 -20.91 7.29
CA ALA A 117 28.87 -19.53 6.91
C ALA A 117 29.33 -18.54 7.97
N TYR A 118 28.59 -18.53 9.09
CA TYR A 118 28.77 -17.54 10.14
C TYR A 118 30.17 -17.64 10.76
N PHE A 119 30.69 -18.86 10.82
CA PHE A 119 31.98 -19.01 11.46
C PHE A 119 33.12 -18.50 10.58
N SER A 120 32.89 -18.38 9.26
CA SER A 120 33.88 -17.79 8.37
C SER A 120 33.91 -16.28 8.33
N VAL A 121 33.12 -15.60 9.15
CA VAL A 121 33.14 -14.14 9.12
C VAL A 121 33.24 -13.49 10.52
N PRO A 122 34.16 -12.52 10.64
CA PRO A 122 34.56 -11.93 11.90
C PRO A 122 33.48 -11.12 12.48
N LEU A 123 33.69 -10.72 13.73
CA LEU A 123 32.76 -9.93 14.49
C LEU A 123 33.42 -8.68 15.00
N ASP A 124 32.77 -7.54 14.86
CA ASP A 124 33.28 -6.27 15.42
C ASP A 124 33.90 -6.37 16.83
N GLU A 125 35.14 -5.92 16.92
CA GLU A 125 36.02 -6.19 18.07
C GLU A 125 35.46 -5.75 19.39
N ASP A 126 34.90 -4.55 19.41
CA ASP A 126 34.37 -4.02 20.66
C ASP A 126 33.00 -4.62 20.90
N PHE A 127 32.65 -5.68 20.16
CA PHE A 127 31.39 -6.36 20.44
C PHE A 127 31.61 -7.74 20.91
N ARG A 128 32.79 -8.27 20.65
CA ARG A 128 33.12 -9.59 21.15
C ARG A 128 32.82 -9.65 22.65
N LYS A 129 33.24 -8.64 23.39
CA LYS A 129 33.08 -8.62 24.83
C LYS A 129 31.68 -8.91 25.29
N TYR A 130 30.67 -8.52 24.55
CA TYR A 130 29.36 -8.81 25.10
C TYR A 130 28.94 -10.20 24.82
N THR A 131 29.78 -10.99 24.14
CA THR A 131 29.36 -12.34 23.79
C THR A 131 29.94 -13.32 24.74
N ALA A 132 30.49 -12.82 25.84
CA ALA A 132 31.03 -13.62 26.95
C ALA A 132 30.11 -14.76 27.41
N PHE A 133 30.69 -15.95 27.49
CA PHE A 133 30.01 -17.05 28.14
C PHE A 133 30.98 -17.87 29.04
N THR A 134 30.42 -18.73 29.88
CA THR A 134 31.22 -19.37 30.88
C THR A 134 30.80 -20.81 31.01
N ILE A 135 31.76 -21.71 30.73
CA ILE A 135 31.66 -23.13 31.13
C ILE A 135 31.87 -23.20 32.64
N PRO A 136 30.93 -23.76 33.36
CA PRO A 136 31.13 -23.73 34.79
C PRO A 136 31.94 -24.93 35.26
N SER A 137 32.37 -24.92 36.51
CA SER A 137 33.11 -26.07 37.07
C SER A 137 32.16 -27.00 37.79
N ILE A 138 32.72 -28.10 38.29
CA ILE A 138 31.95 -29.12 39.03
C ILE A 138 31.43 -28.52 40.34
N ASN A 139 30.12 -28.36 40.37
CA ASN A 139 29.48 -27.58 41.42
C ASN A 139 29.91 -26.12 41.33
N ASN A 140 30.46 -25.58 42.40
CA ASN A 140 30.72 -24.14 42.47
C ASN A 140 32.22 -23.80 42.45
N GLU A 141 32.91 -24.05 43.58
CA GLU A 141 34.38 -24.01 43.69
C GLU A 141 35.06 -23.17 42.62
N THR A 142 35.89 -23.82 41.81
CA THR A 142 36.64 -23.22 40.69
C THR A 142 35.77 -22.25 39.82
N PRO A 143 36.17 -20.96 39.68
CA PRO A 143 35.70 -20.08 38.59
C PRO A 143 35.64 -20.80 37.25
N GLY A 144 34.58 -20.56 36.47
CA GLY A 144 34.39 -21.29 35.22
C GLY A 144 35.38 -20.89 34.16
N ILE A 145 35.47 -21.66 33.10
CA ILE A 145 36.30 -21.25 31.96
C ILE A 145 35.46 -20.25 31.13
N ARG A 146 36.14 -19.27 30.53
CA ARG A 146 35.52 -18.05 30.11
C ARG A 146 35.94 -17.67 28.70
N TYR A 147 34.95 -17.42 27.86
CA TYR A 147 35.16 -17.23 26.42
C TYR A 147 34.30 -16.11 25.84
N GLN A 148 34.67 -15.67 24.63
CA GLN A 148 33.98 -14.61 23.94
C GLN A 148 34.21 -14.90 22.46
N TYR A 149 33.21 -14.58 21.60
CA TYR A 149 33.22 -14.93 20.15
C TYR A 149 34.09 -13.96 19.40
N ASN A 150 34.64 -14.42 18.28
CA ASN A 150 35.41 -13.55 17.39
C ASN A 150 34.74 -13.52 16.05
N VAL A 151 34.14 -14.66 15.69
CA VAL A 151 33.23 -14.78 14.55
C VAL A 151 31.75 -14.53 14.89
N LEU A 152 30.87 -14.71 13.89
CA LEU A 152 29.40 -14.50 14.04
C LEU A 152 28.72 -15.68 14.73
N PRO A 153 28.20 -15.45 15.95
CA PRO A 153 27.62 -16.59 16.68
C PRO A 153 26.28 -17.05 16.09
N GLN A 154 25.99 -18.34 16.11
CA GLN A 154 24.67 -18.81 15.72
C GLN A 154 23.64 -18.30 16.72
N GLY A 155 22.47 -17.93 16.26
CA GLY A 155 21.44 -17.48 17.20
C GLY A 155 21.57 -16.06 17.67
N TRP A 156 22.61 -15.31 17.24
CA TRP A 156 22.67 -13.88 17.56
C TRP A 156 22.06 -13.06 16.45
N LYS A 157 21.39 -11.99 16.85
CA LYS A 157 20.42 -11.23 16.06
C LYS A 157 21.03 -10.67 14.83
N GLY A 158 22.29 -10.23 14.90
CA GLY A 158 22.97 -9.62 13.75
C GLY A 158 23.61 -10.58 12.76
N SER A 159 23.66 -11.87 13.06
CA SER A 159 24.40 -12.69 12.18
C SER A 159 23.84 -12.76 10.75
N PRO A 160 22.51 -12.98 10.53
CA PRO A 160 22.13 -13.14 9.13
C PRO A 160 22.40 -11.91 8.27
N ALA A 161 22.28 -10.74 8.90
CA ALA A 161 22.44 -9.45 8.20
C ALA A 161 23.92 -9.19 7.78
N ILE A 162 24.80 -9.21 8.78
CA ILE A 162 26.25 -9.05 8.64
C ILE A 162 26.89 -10.07 7.71
N PHE A 163 26.43 -11.32 7.81
CA PHE A 163 26.83 -12.25 6.80
C PHE A 163 26.43 -11.83 5.38
N GLN A 164 25.20 -11.35 5.24
CA GLN A 164 24.69 -11.05 3.92
C GLN A 164 25.43 -9.82 3.47
N SER A 165 25.57 -8.86 4.37
CA SER A 165 26.35 -7.68 3.98
C SER A 165 27.74 -8.08 3.51
N SER A 166 28.41 -8.88 4.33
CA SER A 166 29.80 -9.28 4.03
C SER A 166 29.89 -9.98 2.68
N MET A 167 28.98 -10.90 2.39
CA MET A 167 28.95 -11.56 1.06
C MET A 167 28.64 -10.64 -0.13
N THR A 168 27.84 -9.59 0.12
CA THR A 168 27.65 -8.52 -0.88
C THR A 168 28.98 -7.87 -1.23
N LYS A 169 29.64 -7.30 -0.22
CA LYS A 169 30.95 -6.63 -0.37
C LYS A 169 31.89 -7.49 -1.16
N ILE A 170 31.97 -8.75 -0.80
CA ILE A 170 32.92 -9.61 -1.44
C ILE A 170 32.57 -9.82 -2.91
N LEU A 171 31.26 -9.96 -3.21
CA LEU A 171 30.84 -10.29 -4.58
C LEU A 171 31.01 -9.11 -5.53
N GLU A 172 30.94 -7.91 -4.99
CA GLU A 172 31.00 -6.72 -5.82
C GLU A 172 31.96 -6.82 -6.99
N PRO A 173 33.27 -6.95 -6.72
CA PRO A 173 34.22 -6.76 -7.80
C PRO A 173 34.15 -7.87 -8.81
N PHE A 174 33.71 -9.05 -8.41
CA PHE A 174 33.60 -10.18 -9.37
C PHE A 174 32.38 -10.00 -10.28
N ARG A 175 31.37 -9.30 -9.78
CA ARG A 175 30.25 -8.93 -10.57
C ARG A 175 30.90 -8.02 -11.60
N LYS A 176 31.62 -6.99 -11.16
CA LYS A 176 32.06 -5.97 -12.10
C LYS A 176 32.69 -6.57 -13.33
N GLN A 177 33.70 -7.39 -13.19
CA GLN A 177 34.29 -7.92 -14.39
C GLN A 177 33.53 -9.16 -14.92
N ASN A 178 32.33 -9.41 -14.43
CA ASN A 178 31.44 -10.37 -15.12
C ASN A 178 29.98 -9.91 -15.15
N PRO A 179 29.67 -8.88 -15.92
CA PRO A 179 28.34 -8.28 -15.77
C PRO A 179 27.24 -9.25 -16.27
N ASP A 180 27.57 -10.13 -17.22
CA ASP A 180 26.66 -11.16 -17.75
C ASP A 180 26.63 -12.49 -17.00
N ILE A 181 26.73 -12.49 -15.67
CA ILE A 181 26.61 -13.74 -14.95
C ILE A 181 25.70 -13.51 -13.77
N VAL A 182 24.71 -14.39 -13.57
CA VAL A 182 23.75 -14.07 -12.54
C VAL A 182 24.07 -14.85 -11.33
N ILE A 183 24.12 -14.11 -10.23
CA ILE A 183 24.34 -14.69 -8.94
C ILE A 183 23.20 -14.34 -7.99
N TYR A 184 22.35 -15.33 -7.79
CA TYR A 184 21.35 -15.25 -6.76
C TYR A 184 22.03 -15.43 -5.40
N GLN A 185 21.80 -14.50 -4.47
CA GLN A 185 22.18 -14.66 -3.05
C GLN A 185 20.95 -15.06 -2.17
N TYR A 186 20.81 -16.32 -1.75
CA TYR A 186 19.79 -16.65 -0.78
C TYR A 186 20.44 -17.23 0.46
N MET A 187 20.43 -16.48 1.56
CA MET A 187 21.00 -16.96 2.82
C MET A 187 22.51 -17.26 2.64
N ASP A 188 22.91 -18.51 2.86
CA ASP A 188 24.31 -18.84 2.64
C ASP A 188 24.59 -19.60 1.34
N ASP A 189 23.63 -19.54 0.42
CA ASP A 189 23.81 -20.08 -0.92
C ASP A 189 24.01 -18.98 -1.94
N LEU A 190 24.71 -19.32 -3.01
CA LEU A 190 24.77 -18.54 -4.21
C LEU A 190 24.28 -19.51 -5.27
N TYR A 191 23.48 -19.02 -6.22
CA TYR A 191 23.10 -19.83 -7.39
C TYR A 191 23.61 -19.08 -8.55
N VAL A 192 24.34 -19.77 -9.41
CA VAL A 192 25.01 -19.09 -10.52
C VAL A 192 24.64 -19.63 -11.89
N GLY A 193 24.16 -18.76 -12.77
CA GLY A 193 23.81 -19.17 -14.13
C GLY A 193 24.40 -18.27 -15.21
N SER A 194 24.68 -18.87 -16.35
CA SER A 194 25.19 -18.14 -17.50
C SER A 194 24.70 -18.83 -18.76
N ASP A 195 24.93 -18.17 -19.90
CA ASP A 195 24.49 -18.71 -21.18
C ASP A 195 25.61 -19.35 -22.02
N LEU A 196 26.61 -19.96 -21.35
CA LEU A 196 27.84 -20.49 -21.98
C LEU A 196 27.91 -22.01 -21.92
N GLU A 197 28.69 -22.59 -22.86
CA GLU A 197 28.83 -24.06 -22.96
C GLU A 197 29.64 -24.50 -21.80
N ILE A 198 29.25 -25.65 -21.27
CA ILE A 198 29.81 -26.22 -20.07
C ILE A 198 31.22 -25.66 -19.83
N GLY A 199 32.09 -25.87 -20.83
CA GLY A 199 33.47 -25.41 -20.82
C GLY A 199 33.78 -24.22 -19.94
N GLN A 200 33.62 -23.02 -20.49
CA GLN A 200 33.97 -21.80 -19.77
C GLN A 200 33.03 -21.51 -18.64
N HIS A 201 31.96 -22.30 -18.54
CA HIS A 201 31.07 -22.20 -17.37
C HIS A 201 31.88 -22.68 -16.17
N ARG A 202 32.14 -24.00 -16.15
CA ARG A 202 32.94 -24.69 -15.15
C ARG A 202 34.21 -23.95 -14.74
N THR A 203 34.69 -23.11 -15.64
CA THR A 203 35.88 -22.30 -15.48
C THR A 203 35.51 -21.05 -14.74
N LYS A 204 34.58 -20.29 -15.31
CA LYS A 204 34.11 -19.12 -14.63
C LYS A 204 33.74 -19.45 -13.18
N ILE A 205 33.08 -20.57 -12.93
CA ILE A 205 32.68 -20.96 -11.58
C ILE A 205 33.85 -21.21 -10.67
N GLU A 206 34.85 -21.89 -11.20
CA GLU A 206 36.16 -22.07 -10.58
C GLU A 206 36.80 -20.75 -10.21
N GLU A 207 36.71 -19.80 -11.13
CA GLU A 207 37.31 -18.50 -10.92
C GLU A 207 36.58 -17.73 -9.81
N LEU A 208 35.30 -18.01 -9.69
CA LEU A 208 34.48 -17.53 -8.59
C LEU A 208 34.87 -18.21 -7.30
N ARG A 209 34.87 -19.55 -7.33
CA ARG A 209 35.23 -20.29 -6.13
C ARG A 209 36.54 -19.75 -5.58
N GLN A 210 37.47 -19.54 -6.51
CA GLN A 210 38.78 -18.97 -6.17
C GLN A 210 38.61 -17.58 -5.59
N HIS A 211 37.81 -16.74 -6.24
CA HIS A 211 37.67 -15.38 -5.70
C HIS A 211 37.07 -15.39 -4.29
N LEU A 212 36.14 -16.30 -4.07
CA LEU A 212 35.57 -16.42 -2.75
C LEU A 212 36.68 -16.81 -1.76
N LEU A 213 37.46 -17.86 -2.09
CA LEU A 213 38.40 -18.32 -1.11
C LEU A 213 39.43 -17.25 -0.75
N ARG A 214 39.91 -16.49 -1.72
CA ARG A 214 40.83 -15.40 -1.33
C ARG A 214 40.20 -14.65 -0.15
N TRP A 215 38.90 -14.88 0.02
CA TRP A 215 38.13 -14.10 1.00
C TRP A 215 37.53 -15.00 2.07
N GLY A 216 38.20 -16.10 2.35
CA GLY A 216 37.90 -16.89 3.52
C GLY A 216 36.59 -17.64 3.45
N LEU A 217 36.06 -17.81 2.24
CA LEU A 217 34.82 -18.55 2.09
C LEU A 217 35.00 -19.75 1.17
N THR A 218 34.66 -20.90 1.75
CA THR A 218 34.84 -22.22 1.15
C THR A 218 33.52 -22.69 0.59
N THR A 219 33.60 -23.44 -0.50
CA THR A 219 32.43 -23.88 -1.24
C THR A 219 32.77 -25.23 -1.84
N PRO A 220 31.77 -26.07 -2.12
CA PRO A 220 32.12 -27.38 -2.68
C PRO A 220 32.78 -27.28 -4.08
N ASP A 221 33.64 -28.24 -4.38
CA ASP A 221 34.19 -28.36 -5.72
C ASP A 221 33.18 -29.12 -6.55
N LYS A 222 33.43 -29.19 -7.86
CA LYS A 222 32.67 -30.08 -8.74
C LYS A 222 32.70 -31.42 -8.03
N LYS A 223 31.67 -32.24 -8.23
CA LYS A 223 31.56 -33.56 -7.56
C LYS A 223 30.88 -33.46 -6.22
N HIS A 224 31.19 -32.40 -5.49
CA HIS A 224 30.46 -32.06 -4.26
C HIS A 224 29.26 -31.11 -4.48
N GLN A 225 29.32 -30.22 -5.48
CA GLN A 225 28.16 -29.41 -5.83
C GLN A 225 27.04 -30.27 -6.35
N LYS A 226 25.82 -29.83 -6.09
CA LYS A 226 24.66 -30.69 -6.29
C LYS A 226 24.27 -30.74 -7.75
N GLU A 227 23.54 -31.79 -8.10
CA GLU A 227 23.03 -31.99 -9.44
C GLU A 227 21.55 -31.64 -9.44
N PRO A 228 21.05 -31.09 -10.56
CA PRO A 228 19.62 -30.91 -10.82
C PRO A 228 18.90 -32.25 -10.87
N PRO A 229 17.63 -32.33 -10.45
CA PRO A 229 16.68 -31.38 -9.93
C PRO A 229 17.00 -30.90 -8.53
N PHE A 230 17.35 -29.62 -8.39
CA PHE A 230 17.49 -28.98 -7.08
C PHE A 230 16.12 -28.90 -6.39
N LEU A 231 16.02 -29.54 -5.23
CA LEU A 231 14.83 -29.50 -4.45
C LEU A 231 15.03 -28.34 -3.52
N TRP A 232 14.40 -27.20 -3.79
CA TRP A 232 14.68 -25.96 -3.03
C TRP A 232 13.38 -25.35 -2.56
N MET A 233 13.29 -25.14 -1.24
CA MET A 233 12.25 -24.28 -0.67
C MET A 233 10.83 -24.69 -1.05
N GLY A 234 10.60 -25.99 -1.17
CA GLY A 234 9.30 -26.55 -1.53
C GLY A 234 9.22 -26.85 -3.01
N TYR A 235 10.20 -26.38 -3.77
CA TYR A 235 10.13 -26.47 -5.24
C TYR A 235 11.10 -27.51 -5.79
N GLU A 236 10.83 -27.90 -7.03
CA GLU A 236 11.68 -28.79 -7.78
C GLU A 236 12.20 -27.95 -8.93
N LEU A 237 13.50 -27.99 -9.19
CA LEU A 237 14.03 -27.11 -10.20
C LEU A 237 14.85 -27.82 -11.26
N HIS A 238 14.19 -28.45 -12.22
CA HIS A 238 14.87 -29.04 -13.42
C HIS A 238 15.46 -27.98 -14.39
N PRO A 239 16.30 -28.41 -15.32
CA PRO A 239 16.96 -27.42 -16.19
C PRO A 239 16.08 -26.66 -17.19
N ASP A 240 14.88 -27.15 -17.47
CA ASP A 240 14.00 -26.48 -18.47
C ASP A 240 12.53 -26.34 -17.98
N LYS A 241 12.29 -26.62 -16.69
CA LYS A 241 10.97 -26.44 -16.08
C LYS A 241 11.09 -26.34 -14.57
N TRP A 242 9.95 -26.18 -13.88
CA TRP A 242 9.96 -26.21 -12.45
C TRP A 242 8.60 -26.67 -11.98
N THR A 243 8.52 -27.00 -10.70
CA THR A 243 7.30 -27.43 -10.11
C THR A 243 7.47 -27.50 -8.63
N VAL A 244 6.36 -27.76 -7.93
CA VAL A 244 6.35 -27.93 -6.51
C VAL A 244 6.61 -29.39 -6.15
N GLN A 245 7.10 -29.67 -4.96
CA GLN A 245 7.54 -31.00 -4.75
C GLN A 245 6.32 -31.88 -4.54
N PRO A 246 6.54 -33.20 -4.50
CA PRO A 246 5.39 -34.08 -4.45
C PRO A 246 4.42 -33.67 -3.37
N ILE A 247 3.20 -33.36 -3.79
CA ILE A 247 2.07 -33.19 -2.91
C ILE A 247 1.29 -34.49 -2.93
N VAL A 248 0.97 -34.95 -1.73
CA VAL A 248 0.24 -36.18 -1.57
C VAL A 248 -0.83 -35.89 -0.52
N LEU A 249 -2.10 -36.05 -0.92
CA LEU A 249 -3.25 -35.75 -0.08
C LEU A 249 -3.81 -36.97 0.66
N PRO A 250 -3.66 -36.99 2.02
CA PRO A 250 -4.10 -38.02 2.98
C PRO A 250 -5.50 -38.58 2.74
N GLU A 251 -5.62 -39.89 2.87
CA GLU A 251 -6.91 -40.56 2.71
C GLU A 251 -7.30 -41.03 4.09
N LYS A 252 -8.29 -40.39 4.67
CA LYS A 252 -8.62 -40.80 6.03
C LYS A 252 -10.12 -40.88 6.34
N ASP A 253 -10.51 -41.70 7.30
CA ASP A 253 -11.92 -41.84 7.64
C ASP A 253 -12.45 -40.57 8.30
N SER A 254 -11.63 -39.96 9.15
CA SER A 254 -12.11 -38.82 9.93
C SER A 254 -11.05 -37.72 10.01
N TRP A 255 -11.42 -36.54 9.51
CA TRP A 255 -10.46 -35.48 9.31
C TRP A 255 -10.48 -34.64 10.55
N THR A 256 -9.29 -34.35 11.08
CA THR A 256 -9.20 -33.46 12.24
C THR A 256 -8.99 -32.07 11.70
N VAL A 257 -9.20 -31.05 12.54
CA VAL A 257 -8.94 -29.67 12.14
C VAL A 257 -7.51 -29.53 11.65
N ASN A 258 -6.59 -30.11 12.43
CA ASN A 258 -5.21 -30.28 12.00
C ASN A 258 -5.10 -30.91 10.60
N ASP A 259 -5.88 -31.96 10.34
CA ASP A 259 -5.87 -32.61 9.02
C ASP A 259 -6.34 -31.68 7.87
N ILE A 260 -7.30 -30.81 8.19
CA ILE A 260 -7.80 -29.93 7.20
C ILE A 260 -6.84 -28.78 7.02
N GLN A 261 -6.31 -28.21 8.10
CA GLN A 261 -5.38 -27.08 7.93
C GLN A 261 -4.20 -27.46 7.05
N LYS A 262 -3.66 -28.65 7.29
CA LYS A 262 -2.52 -29.15 6.49
C LYS A 262 -2.87 -29.25 5.02
N LEU A 263 -4.07 -29.76 4.73
CA LEU A 263 -4.61 -29.95 3.38
C LEU A 263 -4.67 -28.62 2.64
N VAL A 264 -5.28 -27.65 3.29
CA VAL A 264 -5.47 -26.34 2.68
C VAL A 264 -4.09 -25.74 2.35
N GLY A 265 -3.15 -25.80 3.31
CA GLY A 265 -1.75 -25.47 3.07
C GLY A 265 -1.25 -26.12 1.80
N LYS A 266 -1.48 -27.42 1.68
CA LYS A 266 -0.89 -28.17 0.62
C LYS A 266 -1.52 -27.79 -0.67
N LEU A 267 -2.84 -27.72 -0.70
CA LEU A 267 -3.56 -27.34 -1.91
C LEU A 267 -3.22 -25.93 -2.32
N ASN A 268 -3.34 -24.97 -1.38
CA ASN A 268 -2.75 -23.62 -1.54
C ASN A 268 -1.35 -23.63 -2.23
N TRP A 269 -0.41 -24.42 -1.70
CA TRP A 269 0.94 -24.48 -2.24
C TRP A 269 0.88 -25.05 -3.67
N ALA A 270 0.06 -26.07 -3.89
CA ALA A 270 -0.16 -26.62 -5.22
C ALA A 270 -0.77 -25.59 -6.20
N SER A 271 -1.54 -24.64 -5.69
CA SER A 271 -2.13 -23.68 -6.58
C SER A 271 -1.19 -22.83 -7.47
N GLN A 272 0.10 -22.70 -7.15
CA GLN A 272 0.95 -21.76 -7.95
C GLN A 272 1.40 -22.29 -9.28
N ILE A 273 1.03 -23.55 -9.55
CA ILE A 273 1.30 -24.13 -10.84
C ILE A 273 0.20 -25.06 -11.34
N TYR A 274 -0.63 -25.58 -10.46
CA TYR A 274 -1.76 -26.37 -10.91
C TYR A 274 -2.98 -25.43 -11.00
N PRO A 275 -3.68 -25.38 -12.15
CA PRO A 275 -4.84 -24.47 -12.27
C PRO A 275 -6.09 -25.12 -11.81
N GLY A 276 -7.08 -24.33 -11.44
CA GLY A 276 -8.36 -24.89 -11.09
C GLY A 276 -8.48 -25.36 -9.68
N ILE A 277 -7.34 -25.47 -8.99
CA ILE A 277 -7.33 -25.77 -7.55
C ILE A 277 -8.37 -24.91 -6.79
N LYS A 278 -9.16 -25.51 -5.91
CA LYS A 278 -10.20 -24.79 -5.18
C LYS A 278 -10.13 -25.10 -3.71
N VAL A 279 -10.57 -24.18 -2.87
CA VAL A 279 -10.25 -24.35 -1.45
C VAL A 279 -11.33 -23.81 -0.52
N ARG A 280 -12.36 -23.23 -1.12
CA ARG A 280 -13.39 -22.64 -0.30
C ARG A 280 -14.27 -23.60 0.49
N GLN A 281 -14.82 -24.64 -0.14
CA GLN A 281 -15.57 -25.66 0.62
C GLN A 281 -14.81 -26.20 1.78
N LEU A 282 -13.51 -26.30 1.58
CA LEU A 282 -12.61 -26.76 2.62
C LEU A 282 -12.40 -25.72 3.72
N CYS A 283 -12.10 -24.47 3.38
CA CYS A 283 -11.90 -23.47 4.41
C CYS A 283 -13.14 -23.23 5.25
N LYS A 284 -14.33 -23.32 4.66
CA LYS A 284 -15.57 -23.04 5.40
C LYS A 284 -15.66 -23.90 6.65
N LEU A 285 -15.20 -25.15 6.52
CA LEU A 285 -15.26 -26.10 7.60
C LEU A 285 -14.53 -25.59 8.82
N LEU A 286 -13.46 -24.85 8.55
CA LEU A 286 -12.59 -24.36 9.58
C LEU A 286 -13.25 -23.28 10.47
N ARG A 287 -14.13 -22.46 9.89
CA ARG A 287 -14.78 -21.36 10.64
C ARG A 287 -15.50 -21.90 11.89
N GLY A 288 -15.17 -21.33 13.06
CA GLY A 288 -15.75 -21.72 14.35
C GLY A 288 -15.00 -22.80 15.14
N THR A 289 -14.51 -23.80 14.40
CA THR A 289 -13.72 -24.98 14.90
C THR A 289 -13.57 -25.36 16.40
N LYS A 290 -13.52 -26.67 16.63
CA LYS A 290 -13.31 -27.21 17.98
C LYS A 290 -11.81 -27.50 18.10
N ALA A 291 -11.45 -28.62 18.74
CA ALA A 291 -10.04 -28.96 18.97
C ALA A 291 -9.23 -29.10 17.67
N LEU A 292 -7.92 -28.94 17.75
CA LEU A 292 -6.99 -29.33 16.69
C LEU A 292 -7.06 -30.83 16.35
N THR A 293 -7.30 -31.66 17.37
CA THR A 293 -7.38 -33.13 17.28
C THR A 293 -8.83 -33.58 17.06
N GLU A 294 -9.73 -32.62 16.92
CA GLU A 294 -11.15 -32.89 16.70
C GLU A 294 -11.54 -33.24 15.25
N VAL A 295 -12.34 -34.28 15.10
CA VAL A 295 -12.76 -34.72 13.79
C VAL A 295 -13.93 -33.90 13.21
N ILE A 296 -13.72 -33.24 12.07
CA ILE A 296 -14.81 -32.55 11.39
C ILE A 296 -15.34 -33.42 10.25
N PRO A 297 -16.65 -33.66 10.24
CA PRO A 297 -17.21 -34.44 9.14
C PRO A 297 -17.20 -33.63 7.84
N LEU A 298 -16.92 -34.29 6.72
CA LEU A 298 -16.90 -33.58 5.46
C LEU A 298 -18.30 -33.27 4.97
N THR A 299 -18.50 -32.01 4.66
CA THR A 299 -19.66 -31.52 3.98
C THR A 299 -19.70 -32.14 2.60
N GLU A 300 -20.90 -32.24 2.00
CA GLU A 300 -21.03 -32.80 0.61
C GLU A 300 -20.30 -31.98 -0.49
N GLU A 301 -20.53 -30.67 -0.39
CA GLU A 301 -19.86 -29.63 -1.16
C GLU A 301 -18.31 -29.70 -0.96
N ALA A 302 -17.88 -30.08 0.26
CA ALA A 302 -16.47 -30.25 0.58
C ALA A 302 -15.87 -31.51 -0.06
N GLU A 303 -16.58 -32.64 0.09
CA GLU A 303 -16.29 -33.86 -0.68
C GLU A 303 -16.15 -33.59 -2.16
N LEU A 304 -17.04 -32.73 -2.68
CA LEU A 304 -17.00 -32.35 -4.08
C LEU A 304 -15.74 -31.53 -4.45
N GLU A 305 -15.34 -30.63 -3.55
CA GLU A 305 -14.10 -29.86 -3.72
C GLU A 305 -12.87 -30.79 -3.70
N LEU A 306 -12.72 -31.58 -2.67
CA LEU A 306 -11.53 -32.37 -2.58
C LEU A 306 -11.38 -33.30 -3.76
N ALA A 307 -12.48 -33.94 -4.17
CA ALA A 307 -12.44 -34.89 -5.29
C ALA A 307 -11.90 -34.24 -6.59
N GLU A 308 -12.46 -33.07 -6.94
CA GLU A 308 -12.04 -32.30 -8.13
C GLU A 308 -10.56 -31.97 -8.11
N ASN A 309 -10.07 -31.66 -6.92
CA ASN A 309 -8.68 -31.37 -6.67
C ASN A 309 -7.84 -32.59 -6.92
N ARG A 310 -8.34 -33.76 -6.52
CA ARG A 310 -7.61 -35.01 -6.71
C ARG A 310 -7.34 -35.26 -8.18
N GLU A 311 -8.34 -35.01 -9.02
CA GLU A 311 -8.23 -35.21 -10.47
C GLU A 311 -7.20 -34.26 -11.15
N ILE A 312 -7.05 -33.09 -10.56
CA ILE A 312 -6.07 -32.15 -11.08
C ILE A 312 -4.64 -32.67 -10.79
N LEU A 313 -4.47 -33.17 -9.56
CA LEU A 313 -3.22 -33.66 -9.06
C LEU A 313 -2.81 -35.04 -9.54
N LYS A 314 -3.71 -35.81 -10.16
CA LYS A 314 -3.27 -37.00 -10.90
C LYS A 314 -2.47 -36.43 -12.00
N GLU A 315 -1.36 -37.05 -12.35
CA GLU A 315 -0.61 -36.54 -13.51
C GLU A 315 0.02 -35.18 -13.18
N PRO A 316 1.35 -35.14 -13.04
CA PRO A 316 2.00 -33.86 -12.75
C PRO A 316 1.84 -32.78 -13.79
N VAL A 317 1.89 -31.55 -13.30
CA VAL A 317 2.06 -30.36 -14.12
C VAL A 317 3.37 -29.64 -13.74
N HIS A 318 4.13 -29.16 -14.72
CA HIS A 318 5.33 -28.32 -14.45
C HIS A 318 5.11 -26.93 -15.01
N GLY A 319 6.04 -26.02 -14.80
CA GLY A 319 5.92 -24.64 -15.29
C GLY A 319 7.21 -24.26 -15.95
N VAL A 320 7.24 -23.25 -16.82
CA VAL A 320 8.51 -22.92 -17.49
C VAL A 320 9.21 -21.71 -16.87
N TYR A 321 10.39 -21.37 -17.39
CA TYR A 321 11.19 -20.29 -16.85
C TYR A 321 10.96 -19.02 -17.63
N TYR A 322 11.73 -17.97 -17.36
CA TYR A 322 11.39 -16.66 -17.85
C TYR A 322 12.33 -16.16 -18.91
N ASP A 323 11.76 -15.60 -19.98
CA ASP A 323 12.50 -15.05 -21.11
C ASP A 323 12.08 -13.63 -21.20
N PRO A 324 12.98 -12.73 -20.83
CA PRO A 324 12.80 -11.31 -20.70
C PRO A 324 12.59 -10.55 -21.97
N SER A 325 12.72 -11.20 -23.10
CA SER A 325 12.64 -10.46 -24.34
C SER A 325 11.23 -10.53 -24.90
N LYS A 326 10.38 -11.27 -24.20
CA LYS A 326 9.00 -11.44 -24.61
C LYS A 326 8.13 -10.88 -23.51
N ASP A 327 6.87 -10.61 -23.87
CA ASP A 327 5.87 -10.07 -22.92
C ASP A 327 5.30 -11.17 -22.03
N LEU A 328 4.62 -10.72 -20.96
CA LEU A 328 3.82 -11.61 -20.14
C LEU A 328 2.35 -11.45 -20.42
N ILE A 329 1.66 -12.57 -20.59
CA ILE A 329 0.24 -12.57 -20.72
C ILE A 329 -0.34 -13.23 -19.48
N ALA A 330 -1.43 -12.65 -18.95
CA ALA A 330 -2.16 -13.16 -17.78
C ALA A 330 -3.61 -13.26 -18.19
N GLU A 331 -4.22 -14.41 -17.90
CA GLU A 331 -5.57 -14.69 -18.30
C GLU A 331 -6.25 -15.03 -17.02
N ILE A 332 -7.50 -14.59 -16.86
CA ILE A 332 -8.19 -14.83 -15.60
C ILE A 332 -9.49 -15.53 -15.90
N GLN A 333 -9.88 -16.49 -15.07
CA GLN A 333 -11.23 -17.05 -15.24
C GLN A 333 -12.04 -17.09 -13.94
N LYS A 334 -13.33 -16.72 -14.02
CA LYS A 334 -14.21 -16.79 -12.86
C LYS A 334 -14.57 -18.26 -12.62
N GLN A 335 -14.18 -18.80 -11.48
CA GLN A 335 -14.42 -20.21 -11.20
C GLN A 335 -15.76 -20.37 -10.46
N GLY A 336 -16.25 -19.31 -9.83
CA GLY A 336 -17.48 -19.44 -9.12
C GLY A 336 -17.62 -18.55 -7.91
N GLN A 337 -17.67 -19.17 -6.74
CA GLN A 337 -18.17 -18.54 -5.54
C GLN A 337 -17.24 -17.44 -5.08
N GLY A 338 -17.17 -16.34 -5.85
CA GLY A 338 -16.17 -15.30 -5.64
C GLY A 338 -14.78 -15.91 -5.75
N GLN A 339 -14.72 -17.07 -6.41
CA GLN A 339 -13.46 -17.73 -6.75
C GLN A 339 -12.92 -17.36 -8.14
N TRP A 340 -11.63 -17.07 -8.21
CA TRP A 340 -10.99 -16.66 -9.46
C TRP A 340 -9.68 -17.40 -9.63
N THR A 341 -9.33 -17.67 -10.88
CA THR A 341 -8.19 -18.51 -11.19
C THR A 341 -7.43 -17.86 -12.34
N TYR A 342 -6.10 -17.92 -12.29
CA TYR A 342 -5.26 -17.25 -13.31
C TYR A 342 -4.05 -18.04 -13.71
N GLN A 343 -3.47 -17.63 -14.84
CA GLN A 343 -2.32 -18.26 -15.46
C GLN A 343 -1.47 -17.16 -16.09
N ILE A 344 -0.18 -17.18 -15.82
CA ILE A 344 0.69 -16.34 -16.59
C ILE A 344 1.55 -17.17 -17.52
N TYR A 345 1.67 -16.71 -18.76
CA TYR A 345 2.48 -17.39 -19.77
C TYR A 345 3.14 -16.39 -20.69
N GLN A 346 4.00 -16.87 -21.56
CA GLN A 346 4.66 -15.95 -22.44
C GLN A 346 4.31 -16.39 -23.85
N GLU A 347 4.50 -17.70 -24.07
CA GLU A 347 4.08 -18.43 -25.29
C GLU A 347 2.85 -19.28 -24.92
N PRO A 348 1.73 -19.06 -25.64
CA PRO A 348 0.42 -19.62 -25.47
C PRO A 348 0.34 -21.05 -25.00
N PHE A 349 -0.18 -21.08 -23.77
CA PHE A 349 -0.48 -22.20 -22.90
C PHE A 349 0.64 -22.89 -22.15
N LYS A 350 1.88 -22.50 -22.48
CA LYS A 350 3.08 -22.84 -21.71
C LYS A 350 3.29 -21.90 -20.48
N ASN A 351 2.61 -22.22 -19.38
CA ASN A 351 2.57 -21.32 -18.17
C ASN A 351 3.88 -21.16 -17.42
N LEU A 352 4.31 -19.93 -17.15
CA LEU A 352 5.30 -19.60 -16.05
C LEU A 352 4.83 -19.87 -14.60
N LYS A 353 3.63 -19.44 -14.22
CA LYS A 353 2.94 -19.89 -12.99
C LYS A 353 1.42 -19.71 -13.13
N THR A 354 0.70 -20.19 -12.10
CA THR A 354 -0.74 -19.97 -11.98
C THR A 354 -1.11 -19.46 -10.59
N GLY A 355 -2.39 -19.16 -10.37
CA GLY A 355 -2.84 -18.89 -9.04
C GLY A 355 -4.32 -18.88 -9.00
N LYS A 356 -4.83 -18.64 -7.79
CA LYS A 356 -6.24 -18.25 -7.55
C LYS A 356 -6.38 -16.97 -6.70
N TYR A 357 -7.59 -16.41 -6.71
CA TYR A 357 -8.01 -15.23 -5.97
C TYR A 357 -9.43 -15.48 -5.46
N ALA A 358 -9.67 -15.16 -4.20
CA ALA A 358 -10.96 -15.35 -3.57
C ALA A 358 -11.28 -14.08 -2.75
N ARG A 359 -10.44 -13.81 -1.75
CA ARG A 359 -10.56 -12.64 -0.85
C ARG A 359 -11.78 -11.71 -1.09
N MET A 360 -12.84 -11.95 -0.32
CA MET A 360 -14.00 -11.06 -0.22
C MET A 360 -13.53 -9.67 0.25
N ARG A 361 -13.44 -8.69 -0.66
CA ARG A 361 -13.10 -7.31 -0.27
C ARG A 361 -14.35 -6.53 0.13
N GLY A 362 -14.70 -6.63 1.41
CA GLY A 362 -15.88 -5.93 1.93
C GLY A 362 -17.02 -6.85 2.28
N ALA A 363 -18.23 -6.30 2.30
CA ALA A 363 -19.43 -7.01 2.74
C ALA A 363 -20.29 -7.34 1.52
N HIS A 364 -20.33 -6.43 0.56
CA HIS A 364 -21.13 -6.64 -0.64
C HIS A 364 -20.30 -6.21 -1.80
N THR A 365 -20.42 -6.96 -2.87
CA THR A 365 -19.62 -6.67 -4.05
C THR A 365 -20.31 -7.25 -5.28
N ASN A 366 -19.71 -7.03 -6.45
CA ASN A 366 -20.13 -7.72 -7.66
C ASN A 366 -18.90 -8.18 -8.42
N ASP A 367 -19.10 -8.96 -9.46
CA ASP A 367 -17.99 -9.52 -10.24
C ASP A 367 -17.04 -8.48 -10.88
N VAL A 368 -17.55 -7.36 -11.38
CA VAL A 368 -16.67 -6.38 -12.02
C VAL A 368 -15.68 -5.86 -10.99
N LYS A 369 -16.13 -5.60 -9.79
CA LYS A 369 -15.26 -5.19 -8.70
C LYS A 369 -14.23 -6.27 -8.36
N GLN A 370 -14.66 -7.53 -8.28
CA GLN A 370 -13.72 -8.59 -7.97
C GLN A 370 -12.74 -8.82 -9.11
N LEU A 371 -13.28 -8.79 -10.30
CA LEU A 371 -12.45 -9.05 -11.41
C LEU A 371 -11.27 -8.06 -11.33
N THR A 372 -11.55 -6.82 -10.90
CA THR A 372 -10.56 -5.75 -10.95
C THR A 372 -9.62 -5.73 -9.75
N GLU A 373 -10.13 -6.23 -8.63
CA GLU A 373 -9.32 -6.58 -7.48
C GLU A 373 -8.24 -7.60 -7.86
N ALA A 374 -8.64 -8.72 -8.47
CA ALA A 374 -7.72 -9.71 -9.04
C ALA A 374 -6.70 -9.14 -10.00
N VAL A 375 -7.13 -8.27 -10.93
CA VAL A 375 -6.15 -7.64 -11.81
C VAL A 375 -5.12 -6.87 -10.96
N GLN A 376 -5.58 -6.26 -9.87
CA GLN A 376 -4.69 -5.51 -9.03
C GLN A 376 -3.66 -6.44 -8.39
N LYS A 377 -4.18 -7.52 -7.85
CA LYS A 377 -3.39 -8.46 -7.14
C LYS A 377 -2.35 -9.03 -8.10
N ILE A 378 -2.73 -9.34 -9.34
CA ILE A 378 -1.81 -9.94 -10.26
C ILE A 378 -0.78 -8.98 -10.77
N THR A 379 -1.20 -7.76 -11.03
CA THR A 379 -0.28 -6.73 -11.47
C THR A 379 0.88 -6.61 -10.48
N THR A 380 0.56 -6.44 -9.18
CA THR A 380 1.54 -6.33 -8.11
C THR A 380 2.50 -7.53 -8.08
N GLU A 381 1.96 -8.73 -8.06
CA GLU A 381 2.74 -9.93 -8.11
C GLU A 381 3.66 -9.88 -9.32
N SER A 382 3.22 -9.36 -10.46
CA SER A 382 4.15 -9.27 -11.62
C SER A 382 5.32 -8.33 -11.43
N ILE A 383 5.11 -7.21 -10.72
CA ILE A 383 6.21 -6.26 -10.54
C ILE A 383 7.33 -6.93 -9.71
N VAL A 384 6.94 -7.44 -8.55
CA VAL A 384 7.81 -8.20 -7.70
C VAL A 384 8.63 -9.25 -8.49
N ILE A 385 7.96 -10.18 -9.16
CA ILE A 385 8.66 -11.20 -9.92
C ILE A 385 9.39 -10.78 -11.22
N TRP A 386 8.72 -10.15 -12.19
CA TRP A 386 9.40 -9.90 -13.45
C TRP A 386 9.90 -8.51 -13.61
N GLY A 387 9.49 -7.62 -12.71
CA GLY A 387 9.79 -6.19 -12.92
C GLY A 387 8.95 -5.48 -13.98
N LYS A 388 7.83 -6.08 -14.39
CA LYS A 388 6.94 -5.41 -15.32
C LYS A 388 5.53 -6.01 -15.31
N THR A 389 4.52 -5.27 -15.76
CA THR A 389 3.15 -5.78 -15.68
C THR A 389 2.83 -6.57 -16.92
N PRO A 390 1.91 -7.54 -16.84
CA PRO A 390 1.52 -8.37 -17.99
C PRO A 390 0.42 -7.75 -18.84
N LYS A 391 0.19 -8.31 -20.03
CA LYS A 391 -0.91 -7.86 -20.86
C LYS A 391 -2.11 -8.69 -20.45
N PHE A 392 -3.26 -8.09 -20.11
CA PHE A 392 -4.32 -8.94 -19.55
C PHE A 392 -5.31 -9.44 -20.61
N LYS A 393 -5.85 -10.63 -20.35
CA LYS A 393 -6.91 -11.16 -21.13
C LYS A 393 -8.00 -11.57 -20.16
N LEU A 394 -9.14 -10.87 -20.24
CA LEU A 394 -10.20 -10.97 -19.21
C LEU A 394 -11.54 -11.32 -19.80
N PRO A 395 -12.35 -12.10 -19.07
CA PRO A 395 -13.65 -12.56 -19.51
C PRO A 395 -14.72 -11.51 -19.27
N ILE A 396 -14.44 -10.28 -19.67
CA ILE A 396 -15.37 -9.19 -19.51
C ILE A 396 -15.33 -8.40 -20.83
N GLN A 397 -16.50 -8.09 -21.38
CA GLN A 397 -16.64 -7.28 -22.62
C GLN A 397 -16.17 -5.85 -22.40
N LYS A 398 -15.49 -5.23 -23.36
CA LYS A 398 -14.96 -3.85 -23.22
C LYS A 398 -16.05 -2.82 -22.84
N GLU A 399 -17.27 -3.11 -23.25
CA GLU A 399 -18.48 -2.29 -23.03
C GLU A 399 -19.03 -2.42 -21.59
N THR A 400 -19.18 -3.65 -21.11
CA THR A 400 -19.53 -3.85 -19.74
C THR A 400 -18.60 -3.06 -18.86
N TRP A 401 -17.30 -3.21 -19.11
CA TRP A 401 -16.25 -2.49 -18.43
C TRP A 401 -16.37 -0.98 -18.52
N GLU A 402 -16.35 -0.44 -19.73
CA GLU A 402 -16.63 0.99 -19.95
C GLU A 402 -17.89 1.59 -19.25
N THR A 403 -19.05 0.95 -19.34
CA THR A 403 -20.22 1.41 -18.59
C THR A 403 -19.83 1.57 -17.12
N TRP A 404 -19.36 0.46 -16.54
CA TRP A 404 -19.17 0.40 -15.10
C TRP A 404 -18.14 1.36 -14.54
N TRP A 405 -16.98 1.49 -15.19
CA TRP A 405 -15.94 2.35 -14.64
C TRP A 405 -16.47 3.76 -14.67
N THR A 406 -17.08 4.08 -15.79
CA THR A 406 -17.53 5.40 -16.09
C THR A 406 -18.54 5.82 -15.07
N GLU A 407 -19.58 5.00 -14.86
CA GLU A 407 -20.64 5.44 -13.93
C GLU A 407 -20.41 5.28 -12.41
N TYR A 408 -19.29 4.69 -12.01
CA TYR A 408 -18.99 4.31 -10.61
C TYR A 408 -18.27 5.40 -9.89
N TRP A 409 -18.52 5.58 -8.59
CA TRP A 409 -17.95 6.75 -7.87
C TRP A 409 -16.44 6.63 -7.61
N GLN A 410 -15.94 5.39 -7.51
CA GLN A 410 -14.56 5.14 -7.15
C GLN A 410 -13.72 5.11 -8.42
N ALA A 411 -12.53 5.69 -8.33
CA ALA A 411 -11.56 5.68 -9.42
C ALA A 411 -11.01 4.27 -9.74
N THR A 412 -10.88 3.97 -11.03
CA THR A 412 -10.50 2.63 -11.46
C THR A 412 -9.60 2.63 -12.67
N TRP A 413 -8.81 1.59 -12.82
CA TRP A 413 -7.89 1.51 -13.94
C TRP A 413 -7.37 0.12 -14.07
N ILE A 414 -7.37 -0.39 -15.29
CA ILE A 414 -6.77 -1.68 -15.54
C ILE A 414 -5.75 -1.31 -16.60
N PRO A 415 -4.58 -1.96 -16.54
CA PRO A 415 -3.48 -1.88 -17.51
C PRO A 415 -3.97 -2.06 -18.93
N GLU A 416 -3.34 -2.95 -19.68
CA GLU A 416 -3.65 -3.15 -21.10
C GLU A 416 -4.45 -4.42 -21.14
N TRP A 417 -5.68 -4.35 -21.65
CA TRP A 417 -6.46 -5.58 -21.72
C TRP A 417 -7.22 -5.93 -22.98
N GLU A 418 -7.49 -7.22 -23.11
CA GLU A 418 -8.34 -7.69 -24.19
C GLU A 418 -9.42 -8.64 -23.67
N PHE A 419 -10.59 -8.55 -24.31
CA PHE A 419 -11.71 -9.45 -24.04
C PHE A 419 -11.31 -10.86 -24.51
N VAL A 420 -11.86 -11.89 -23.88
CA VAL A 420 -11.63 -13.25 -24.32
C VAL A 420 -12.86 -13.99 -23.96
N ASN A 421 -13.40 -14.77 -24.89
CA ASN A 421 -14.73 -15.30 -24.70
C ASN A 421 -14.74 -16.67 -24.02
N THR A 422 -14.52 -16.64 -22.71
CA THR A 422 -14.38 -17.84 -21.88
C THR A 422 -15.38 -17.89 -20.74
N PRO A 423 -16.59 -18.41 -20.96
CA PRO A 423 -17.66 -18.39 -19.93
C PRO A 423 -17.24 -18.96 -18.59
N PRO A 424 -17.95 -18.59 -17.50
CA PRO A 424 -18.94 -17.51 -17.48
C PRO A 424 -18.30 -16.16 -17.73
N LEU A 425 -18.94 -15.36 -18.58
CA LEU A 425 -18.55 -13.97 -18.75
C LEU A 425 -18.95 -13.10 -17.60
N VAL A 426 -18.17 -12.04 -17.40
CA VAL A 426 -18.43 -11.13 -16.30
C VAL A 426 -19.48 -10.11 -16.78
N LYS A 427 -20.57 -10.01 -16.01
CA LYS A 427 -21.64 -9.07 -16.35
C LYS A 427 -22.33 -8.46 -15.17
N LEU A 428 -22.91 -7.28 -15.38
CA LEU A 428 -23.79 -6.66 -14.40
C LEU A 428 -25.23 -7.15 -14.59
N TRP A 429 -25.84 -7.55 -13.50
CA TRP A 429 -27.13 -8.22 -13.53
C TRP A 429 -28.38 -7.35 -13.41
N TYR A 430 -28.20 -6.05 -13.16
CA TYR A 430 -29.29 -5.06 -13.12
C TYR A 430 -28.71 -3.67 -13.08
N GLN A 431 -29.45 -2.70 -13.61
CA GLN A 431 -29.08 -1.28 -13.58
C GLN A 431 -30.27 -0.63 -12.94
N LEU A 432 -30.04 0.41 -12.14
CA LEU A 432 -31.11 1.31 -11.72
C LEU A 432 -31.34 2.43 -12.74
N GLU A 433 -32.50 3.04 -12.68
CA GLU A 433 -32.85 4.13 -13.60
C GLU A 433 -32.10 5.39 -13.26
N LYS A 434 -32.02 6.30 -14.23
CA LYS A 434 -31.54 7.64 -13.93
C LYS A 434 -32.72 8.52 -13.59
N GLU A 435 -33.89 8.18 -14.10
CA GLU A 435 -35.08 9.01 -13.87
C GLU A 435 -36.27 8.15 -13.49
N PRO A 436 -37.15 8.68 -12.63
CA PRO A 436 -38.41 8.07 -12.19
C PRO A 436 -39.26 7.51 -13.33
N ILE A 437 -39.98 6.44 -13.02
CA ILE A 437 -40.71 5.69 -14.03
C ILE A 437 -42.16 6.15 -14.10
N VAL A 438 -42.47 7.04 -15.04
CA VAL A 438 -43.84 7.49 -15.27
C VAL A 438 -44.82 6.31 -15.26
N GLY A 439 -45.91 6.40 -14.50
CA GLY A 439 -46.89 5.33 -14.54
C GLY A 439 -46.43 4.05 -13.86
N ALA A 440 -45.55 4.21 -12.88
CA ALA A 440 -45.23 3.16 -11.92
C ALA A 440 -45.47 3.65 -10.48
N GLU A 441 -45.78 2.69 -9.62
CA GLU A 441 -46.19 3.05 -8.27
C GLU A 441 -44.97 3.46 -7.48
N THR A 442 -45.01 4.66 -6.91
CA THR A 442 -44.08 5.09 -5.89
C THR A 442 -44.39 4.49 -4.51
N PHE A 443 -43.53 3.57 -4.05
CA PHE A 443 -43.47 3.19 -2.66
C PHE A 443 -42.57 4.10 -1.82
N TYR A 444 -43.06 4.59 -0.68
CA TYR A 444 -42.20 5.21 0.30
C TYR A 444 -41.95 4.22 1.45
N VAL A 445 -40.67 3.90 1.67
CA VAL A 445 -40.22 2.86 2.62
C VAL A 445 -39.50 3.46 3.81
N ASP A 446 -39.69 2.84 4.96
CA ASP A 446 -39.01 3.26 6.14
C ASP A 446 -38.90 2.06 7.05
N GLY A 447 -38.10 2.21 8.09
CA GLY A 447 -37.86 1.17 9.07
C GLY A 447 -37.42 1.82 10.37
N ALA A 448 -37.76 1.20 11.49
CA ALA A 448 -37.34 1.72 12.80
C ALA A 448 -37.14 0.59 13.81
N ALA A 449 -36.17 0.75 14.71
CA ALA A 449 -35.91 -0.21 15.75
C ALA A 449 -35.62 0.49 17.09
N ASN A 450 -35.99 -0.21 18.15
CA ASN A 450 -35.83 0.34 19.47
C ASN A 450 -34.55 -0.21 20.06
N ARG A 451 -33.75 0.68 20.66
CA ARG A 451 -32.35 0.37 20.99
C ARG A 451 -32.23 -0.57 22.20
N GLU A 452 -33.29 -0.66 22.99
CA GLU A 452 -33.33 -1.57 24.12
C GLU A 452 -33.97 -2.91 23.71
N THR A 453 -35.30 -2.95 23.56
CA THR A 453 -35.97 -4.18 23.14
C THR A 453 -35.31 -4.89 21.97
N LYS A 454 -34.64 -4.12 21.10
CA LYS A 454 -34.11 -4.63 19.86
C LYS A 454 -35.23 -5.00 18.92
N LEU A 455 -36.42 -4.46 19.12
CA LEU A 455 -37.54 -4.72 18.21
C LEU A 455 -37.71 -3.63 17.14
N GLY A 456 -38.29 -4.02 16.02
CA GLY A 456 -38.43 -3.10 14.94
C GLY A 456 -39.61 -3.34 14.06
N LYS A 457 -39.95 -2.31 13.28
CA LYS A 457 -41.03 -2.39 12.34
C LYS A 457 -40.45 -1.93 11.01
N ALA A 458 -40.96 -2.53 9.93
CA ALA A 458 -40.54 -2.22 8.57
C ALA A 458 -41.80 -2.13 7.76
N GLY A 459 -41.93 -1.08 6.98
CA GLY A 459 -43.07 -1.01 6.09
C GLY A 459 -42.97 0.02 4.99
N TYR A 460 -44.09 0.18 4.30
CA TYR A 460 -44.27 1.24 3.33
C TYR A 460 -45.71 1.75 3.23
N VAL A 461 -45.81 2.95 2.66
CA VAL A 461 -47.03 3.48 2.14
C VAL A 461 -46.73 3.97 0.71
N THR A 462 -47.59 3.64 -0.24
CA THR A 462 -47.41 4.06 -1.64
C THR A 462 -48.30 5.27 -2.05
N ASN A 463 -48.30 5.64 -3.34
CA ASN A 463 -49.09 6.77 -3.85
C ASN A 463 -50.43 6.31 -4.53
N ARG A 464 -50.80 5.07 -4.26
CA ARG A 464 -51.99 4.43 -4.76
C ARG A 464 -52.65 3.84 -3.53
N GLY A 465 -52.41 4.48 -2.38
CA GLY A 465 -53.17 4.16 -1.15
C GLY A 465 -52.81 2.86 -0.40
N ARG A 466 -52.02 2.03 -1.08
CA ARG A 466 -51.43 0.88 -0.46
C ARG A 466 -50.52 1.16 0.71
N GLN A 467 -50.42 0.18 1.62
CA GLN A 467 -49.71 0.37 2.89
C GLN A 467 -49.39 -0.94 3.59
N LYS A 468 -48.41 -0.95 4.48
CA LYS A 468 -48.00 -2.22 5.11
C LYS A 468 -47.04 -1.94 6.21
N VAL A 469 -47.04 -2.82 7.22
CA VAL A 469 -46.08 -2.75 8.32
C VAL A 469 -45.81 -4.14 8.84
N VAL A 470 -44.57 -4.56 8.75
CA VAL A 470 -44.16 -5.81 9.30
C VAL A 470 -43.41 -5.56 10.61
N THR A 471 -43.44 -6.52 11.54
CA THR A 471 -42.73 -6.42 12.82
C THR A 471 -41.61 -7.43 12.76
N LEU A 472 -40.53 -7.14 13.48
CA LEU A 472 -39.29 -7.91 13.38
C LEU A 472 -38.66 -7.92 14.77
N THR A 473 -38.03 -9.03 15.17
CA THR A 473 -37.79 -9.19 16.60
C THR A 473 -36.35 -8.93 17.12
N ASP A 474 -35.34 -9.18 16.31
CA ASP A 474 -34.02 -8.84 16.86
C ASP A 474 -33.17 -8.03 15.91
N THR A 475 -33.62 -6.79 15.71
CA THR A 475 -33.08 -6.00 14.64
C THR A 475 -32.35 -4.81 15.16
N THR A 476 -31.97 -4.04 14.17
CA THR A 476 -31.23 -2.83 14.27
C THR A 476 -31.91 -1.96 13.26
N ASN A 477 -31.65 -0.68 13.36
CA ASN A 477 -32.13 0.24 12.35
C ASN A 477 -31.74 -0.13 10.94
N GLN A 478 -30.48 -0.50 10.76
CA GLN A 478 -30.00 -0.89 9.45
C GLN A 478 -30.76 -2.05 8.88
N LYS A 479 -30.97 -3.07 9.67
CA LYS A 479 -31.71 -4.20 9.15
C LYS A 479 -33.15 -3.80 8.76
N THR A 480 -33.82 -3.03 9.63
CA THR A 480 -35.19 -2.62 9.33
C THR A 480 -35.33 -1.83 8.02
N GLU A 481 -34.35 -0.97 7.70
CA GLU A 481 -34.38 -0.14 6.53
C GLU A 481 -34.25 -0.91 5.25
N LEU A 482 -33.55 -2.02 5.32
CA LEU A 482 -33.33 -2.85 4.15
C LEU A 482 -34.55 -3.73 3.96
N GLN A 483 -35.01 -4.31 5.08
CA GLN A 483 -36.26 -5.02 5.14
C GLN A 483 -37.39 -4.25 4.48
N ALA A 484 -37.50 -2.97 4.83
CA ALA A 484 -38.49 -2.08 4.20
C ALA A 484 -38.43 -2.12 2.66
N ILE A 485 -37.22 -2.12 2.14
CA ILE A 485 -36.97 -1.99 0.72
C ILE A 485 -37.29 -3.30 0.07
N TYR A 486 -36.96 -4.38 0.77
CA TYR A 486 -37.34 -5.71 0.32
C TYR A 486 -38.87 -5.83 0.17
N LEU A 487 -39.59 -5.55 1.26
CA LEU A 487 -41.06 -5.51 1.28
C LEU A 487 -41.53 -4.85 0.01
N ALA A 488 -41.17 -3.56 -0.14
CA ALA A 488 -41.50 -2.76 -1.32
C ALA A 488 -41.17 -3.45 -2.63
N LEU A 489 -40.11 -4.22 -2.71
CA LEU A 489 -39.87 -5.01 -3.91
C LEU A 489 -40.72 -6.27 -4.02
N GLN A 490 -41.28 -6.80 -2.93
CA GLN A 490 -42.07 -8.06 -3.03
C GLN A 490 -43.46 -7.81 -3.63
N ASP A 491 -44.05 -6.67 -3.30
CA ASP A 491 -45.41 -6.39 -3.56
C ASP A 491 -45.46 -5.36 -4.65
N SER A 492 -44.38 -5.22 -5.43
CA SER A 492 -44.30 -4.07 -6.33
C SER A 492 -44.49 -4.38 -7.80
N GLY A 493 -44.23 -5.60 -8.23
CA GLY A 493 -44.38 -5.84 -9.67
C GLY A 493 -43.41 -5.07 -10.57
N LEU A 494 -43.26 -5.55 -11.80
CA LEU A 494 -42.19 -5.17 -12.70
C LEU A 494 -41.63 -3.71 -12.82
N GLU A 495 -42.31 -2.64 -12.37
CA GLU A 495 -41.66 -1.29 -12.38
C GLU A 495 -41.97 -0.35 -11.22
N VAL A 496 -41.09 -0.23 -10.22
CA VAL A 496 -41.38 0.55 -9.02
C VAL A 496 -40.46 1.70 -8.96
N ASN A 497 -40.92 2.81 -8.43
CA ASN A 497 -40.03 3.85 -7.96
C ASN A 497 -40.00 3.70 -6.45
N ILE A 498 -38.83 3.83 -5.82
CA ILE A 498 -38.75 3.65 -4.38
C ILE A 498 -38.09 4.80 -3.67
N VAL A 499 -38.66 5.25 -2.58
CA VAL A 499 -37.98 6.30 -1.91
C VAL A 499 -37.73 5.99 -0.44
N THR A 500 -36.48 6.24 -0.05
CA THR A 500 -35.97 5.84 1.21
C THR A 500 -35.28 7.04 1.81
N ASP A 501 -35.12 7.01 3.12
CA ASP A 501 -34.32 7.98 3.86
C ASP A 501 -33.01 7.35 4.40
N SER A 502 -32.70 6.15 3.95
CA SER A 502 -31.48 5.44 4.41
C SER A 502 -30.33 5.61 3.43
N GLN A 503 -29.36 6.45 3.76
CA GLN A 503 -28.15 6.50 2.90
C GLN A 503 -27.45 5.11 2.86
N TYR A 504 -27.41 4.48 4.03
CA TYR A 504 -27.02 3.10 4.12
C TYR A 504 -27.49 2.17 2.98
N ALA A 505 -28.80 1.94 2.85
CA ALA A 505 -29.24 1.02 1.79
C ALA A 505 -29.04 1.57 0.43
N LEU A 506 -29.07 2.89 0.37
CA LEU A 506 -28.95 3.54 -0.91
C LEU A 506 -27.58 3.15 -1.44
N GLY A 507 -26.57 3.32 -0.57
CA GLY A 507 -25.21 3.03 -0.90
C GLY A 507 -25.08 1.60 -1.39
N ILE A 508 -25.60 0.64 -0.60
CA ILE A 508 -25.40 -0.73 -0.93
C ILE A 508 -25.92 -0.95 -2.29
N ILE A 509 -27.15 -0.54 -2.55
CA ILE A 509 -27.85 -0.91 -3.76
C ILE A 509 -27.29 -0.14 -4.94
N GLN A 510 -26.85 1.06 -4.66
CA GLN A 510 -26.39 1.86 -5.75
C GLN A 510 -25.09 1.33 -6.42
N ALA A 511 -24.38 0.43 -5.73
CA ALA A 511 -23.13 -0.13 -6.21
C ALA A 511 -23.37 -1.44 -6.93
N GLN A 512 -24.62 -1.76 -7.24
CA GLN A 512 -24.92 -2.96 -7.99
C GLN A 512 -24.25 -4.19 -7.43
N PRO A 513 -24.41 -4.40 -6.12
CA PRO A 513 -23.97 -5.65 -5.53
C PRO A 513 -24.55 -6.80 -6.33
N ASP A 514 -23.89 -7.94 -6.36
CA ASP A 514 -24.54 -9.16 -6.83
C ASP A 514 -24.30 -10.34 -5.90
N GLN A 515 -23.61 -10.08 -4.79
CA GLN A 515 -23.33 -11.07 -3.75
C GLN A 515 -23.15 -10.34 -2.45
N SER A 516 -23.56 -10.98 -1.36
CA SER A 516 -23.47 -10.36 -0.05
C SER A 516 -23.31 -11.38 1.03
N GLU A 517 -22.70 -10.96 2.12
CA GLU A 517 -22.74 -11.73 3.31
C GLU A 517 -24.16 -11.86 3.90
N SER A 518 -25.01 -10.86 3.70
CA SER A 518 -26.35 -10.84 4.26
C SER A 518 -27.42 -11.49 3.40
N GLU A 519 -28.18 -12.42 4.00
CA GLU A 519 -29.30 -13.08 3.30
C GLU A 519 -30.33 -12.08 2.78
N LEU A 520 -30.50 -11.04 3.57
CA LEU A 520 -31.40 -9.99 3.22
C LEU A 520 -30.92 -9.25 1.97
N VAL A 521 -29.64 -8.93 1.91
CA VAL A 521 -29.15 -8.25 0.75
C VAL A 521 -29.29 -9.12 -0.46
N ASN A 522 -29.14 -10.44 -0.29
CA ASN A 522 -29.32 -11.37 -1.42
C ASN A 522 -30.77 -11.49 -1.87
N GLN A 523 -31.67 -11.41 -0.91
CA GLN A 523 -33.08 -11.42 -1.22
C GLN A 523 -33.35 -10.18 -2.09
N ILE A 524 -33.03 -9.01 -1.57
CA ILE A 524 -33.00 -7.81 -2.40
C ILE A 524 -32.39 -8.03 -3.78
N ILE A 525 -31.28 -8.75 -3.89
CA ILE A 525 -30.68 -8.89 -5.21
C ILE A 525 -31.59 -9.62 -6.19
N GLU A 526 -32.28 -10.68 -5.74
CA GLU A 526 -33.16 -11.43 -6.68
C GLU A 526 -34.34 -10.62 -7.17
N GLN A 527 -34.99 -9.92 -6.25
CA GLN A 527 -36.00 -8.98 -6.64
C GLN A 527 -35.48 -8.09 -7.76
N LEU A 528 -34.38 -7.37 -7.49
CA LEU A 528 -33.90 -6.36 -8.42
C LEU A 528 -33.59 -6.94 -9.76
N ILE A 529 -33.16 -8.19 -9.78
CA ILE A 529 -32.77 -8.82 -11.03
C ILE A 529 -34.03 -9.12 -11.82
N LYS A 530 -35.05 -9.63 -11.12
CA LYS A 530 -36.36 -9.90 -11.69
C LYS A 530 -37.07 -8.67 -12.31
N LYS A 531 -36.91 -7.52 -11.67
CA LYS A 531 -37.58 -6.32 -12.07
C LYS A 531 -37.21 -5.90 -13.49
N GLU A 532 -37.96 -4.96 -14.07
CA GLU A 532 -37.69 -4.53 -15.42
C GLU A 532 -37.11 -3.14 -15.38
N LYS A 533 -37.74 -2.26 -14.61
CA LYS A 533 -37.24 -0.92 -14.37
C LYS A 533 -37.41 -0.63 -12.88
N VAL A 534 -36.33 -0.27 -12.18
CA VAL A 534 -36.41 0.18 -10.78
C VAL A 534 -35.66 1.47 -10.61
N TYR A 535 -36.33 2.45 -10.03
CA TYR A 535 -35.70 3.68 -9.70
C TYR A 535 -35.74 3.91 -8.19
N LEU A 536 -34.62 4.40 -7.65
CA LEU A 536 -34.43 4.45 -6.23
C LEU A 536 -33.93 5.82 -5.89
N ALA A 537 -34.50 6.43 -4.86
CA ALA A 537 -34.20 7.84 -4.49
C ALA A 537 -34.26 8.09 -3.00
N TRP A 538 -33.59 9.17 -2.60
CA TRP A 538 -33.30 9.46 -1.19
C TRP A 538 -33.85 10.78 -0.74
N VAL A 539 -34.49 10.77 0.42
CA VAL A 539 -34.88 12.05 1.02
C VAL A 539 -34.31 12.10 2.42
N PRO A 540 -34.08 13.29 2.98
CA PRO A 540 -33.73 13.29 4.38
C PRO A 540 -34.94 12.93 5.26
N ALA A 541 -34.69 12.40 6.47
CA ALA A 541 -35.78 12.05 7.35
C ALA A 541 -36.16 13.25 8.23
N HIS A 542 -37.25 13.13 8.99
CA HIS A 542 -37.73 14.18 9.94
C HIS A 542 -37.71 15.58 9.37
N LYS A 543 -38.44 15.71 8.29
CA LYS A 543 -38.70 16.96 7.63
C LYS A 543 -39.90 16.39 6.93
N GLY A 544 -41.07 16.64 7.51
CA GLY A 544 -42.32 16.08 7.01
C GLY A 544 -42.31 16.21 5.50
N ILE A 545 -42.18 15.07 4.81
CA ILE A 545 -42.08 15.04 3.36
C ILE A 545 -43.04 14.00 2.86
N GLY A 546 -44.03 14.50 2.14
CA GLY A 546 -44.98 13.67 1.41
C GLY A 546 -45.17 12.27 1.95
N GLY A 547 -44.64 11.28 1.25
CA GLY A 547 -44.91 9.91 1.67
C GLY A 547 -44.13 9.55 2.93
N ASN A 548 -42.97 10.18 3.08
CA ASN A 548 -42.00 9.83 4.07
C ASN A 548 -42.50 10.07 5.48
N GLU A 549 -43.12 11.25 5.69
CA GLU A 549 -43.66 11.62 7.01
C GLU A 549 -44.64 10.56 7.51
N GLN A 550 -45.25 9.89 6.54
CA GLN A 550 -46.38 9.03 6.76
C GLN A 550 -45.93 7.63 7.15
N VAL A 551 -44.89 7.13 6.50
CA VAL A 551 -44.40 5.79 6.83
C VAL A 551 -43.66 5.85 8.12
N ASP A 552 -43.06 7.00 8.37
CA ASP A 552 -42.21 7.24 9.53
C ASP A 552 -43.03 7.02 10.81
N LYS A 553 -44.22 7.63 10.85
CA LYS A 553 -45.16 7.44 11.96
C LYS A 553 -45.72 6.00 12.00
N LEU A 554 -45.96 5.43 10.83
CA LEU A 554 -46.42 4.08 10.72
C LEU A 554 -45.44 3.12 11.41
N VAL A 555 -44.17 3.19 11.00
CA VAL A 555 -43.19 2.28 11.53
C VAL A 555 -42.72 2.73 12.89
N SER A 556 -43.05 3.95 13.27
CA SER A 556 -42.73 4.45 14.60
C SER A 556 -43.58 3.80 15.69
N ALA A 557 -44.91 3.88 15.53
CA ALA A 557 -45.90 3.36 16.47
C ALA A 557 -45.38 2.18 17.28
N GLY A 558 -45.01 2.44 18.53
CA GLY A 558 -44.58 1.38 19.46
C GLY A 558 -43.08 1.25 19.57
N ILE A 559 -42.40 1.70 18.53
CA ILE A 559 -40.95 1.66 18.49
C ILE A 559 -40.36 2.97 19.04
N ARG A 560 -40.95 4.11 18.67
CA ARG A 560 -40.49 5.43 19.12
C ARG A 560 -41.51 6.56 18.85
N GLU B 9 30.66 24.12 8.49
CA GLU B 9 30.05 23.61 9.76
C GLU B 9 28.62 23.14 9.54
N THR B 10 28.19 22.14 10.30
CA THR B 10 26.85 21.61 10.15
C THR B 10 25.94 21.99 11.31
N VAL B 11 24.76 22.49 10.97
CA VAL B 11 23.69 22.71 11.92
C VAL B 11 23.22 21.36 12.47
N PRO B 12 23.45 21.12 13.76
CA PRO B 12 23.07 19.81 14.24
C PRO B 12 21.56 19.71 14.39
N VAL B 13 21.01 18.55 14.02
CA VAL B 13 19.57 18.29 14.01
C VAL B 13 19.12 17.30 15.10
N LYS B 14 18.01 17.62 15.76
CA LYS B 14 17.43 16.72 16.78
C LYS B 14 16.11 16.07 16.35
N LEU B 15 15.96 14.80 16.71
CA LEU B 15 14.70 14.10 16.53
C LEU B 15 13.66 14.49 17.60
N LYS B 16 12.38 14.42 17.25
CA LYS B 16 11.28 14.65 18.22
C LYS B 16 11.24 13.52 19.30
N PRO B 17 11.46 13.88 20.59
CA PRO B 17 12.07 13.02 21.66
C PRO B 17 11.44 11.65 21.88
N GLY B 18 12.27 10.69 22.31
CA GLY B 18 11.80 9.33 22.58
C GLY B 18 11.53 8.57 21.29
N MET B 19 10.79 9.20 20.38
CA MET B 19 10.56 8.67 19.05
C MET B 19 11.88 8.72 18.25
N ASP B 20 11.95 7.86 17.25
CA ASP B 20 13.15 7.80 16.44
C ASP B 20 12.90 7.44 14.95
N GLY B 21 13.96 7.09 14.25
CA GLY B 21 13.99 7.18 12.80
C GLY B 21 13.02 6.34 12.00
N PRO B 22 12.80 6.74 10.74
CA PRO B 22 11.84 6.12 9.84
C PRO B 22 12.26 4.72 9.46
N LYS B 23 11.29 3.82 9.44
CA LYS B 23 11.52 2.44 9.04
C LYS B 23 10.46 2.00 8.04
N VAL B 24 10.36 2.72 6.94
CA VAL B 24 9.29 2.47 6.00
C VAL B 24 9.73 1.44 5.00
N LYS B 25 8.81 0.53 4.73
CA LYS B 25 8.96 -0.46 3.71
C LYS B 25 9.26 0.21 2.37
N GLN B 26 9.96 -0.50 1.48
CA GLN B 26 10.16 -0.04 0.14
C GLN B 26 9.26 -0.82 -0.83
N TRP B 27 8.56 -0.06 -1.68
CA TRP B 27 7.70 -0.58 -2.75
C TRP B 27 8.48 -1.25 -3.84
N PRO B 28 7.90 -2.35 -4.39
CA PRO B 28 8.40 -2.94 -5.61
C PRO B 28 8.34 -1.93 -6.75
N LEU B 29 9.46 -1.86 -7.48
CA LEU B 29 9.65 -0.95 -8.62
C LEU B 29 9.78 -1.79 -9.87
N THR B 30 9.48 -1.25 -11.05
CA THR B 30 9.66 -2.02 -12.28
C THR B 30 11.11 -1.88 -12.73
N GLU B 31 11.53 -2.77 -13.60
CA GLU B 31 12.92 -2.86 -14.03
C GLU B 31 13.46 -1.54 -14.56
N GLU B 32 12.62 -0.74 -15.20
CA GLU B 32 13.13 0.43 -15.87
C GLU B 32 13.43 1.53 -14.86
N LYS B 33 12.68 1.51 -13.78
CA LYS B 33 12.83 2.51 -12.79
C LYS B 33 14.01 2.18 -11.90
N ILE B 34 14.25 0.88 -11.77
CA ILE B 34 15.35 0.40 -10.95
C ILE B 34 16.65 0.85 -11.64
N LYS B 35 16.79 0.50 -12.91
CA LYS B 35 17.94 0.90 -13.72
C LYS B 35 18.18 2.39 -13.65
N ALA B 36 17.12 3.14 -13.85
CA ALA B 36 17.27 4.57 -13.87
C ALA B 36 17.81 5.01 -12.52
N LEU B 37 17.41 4.36 -11.42
CA LEU B 37 17.89 4.81 -10.09
C LEU B 37 19.33 4.37 -9.80
N VAL B 38 19.71 3.23 -10.34
CA VAL B 38 21.06 2.72 -10.24
C VAL B 38 21.98 3.75 -10.92
N GLU B 39 21.71 4.06 -12.19
CA GLU B 39 22.36 5.16 -12.85
C GLU B 39 22.40 6.41 -12.00
N ILE B 40 21.27 6.97 -11.67
CA ILE B 40 21.29 8.23 -10.93
C ILE B 40 22.23 8.12 -9.71
N CYS B 41 22.07 7.06 -8.93
CA CYS B 41 22.78 6.91 -7.66
C CYS B 41 24.29 6.67 -7.78
N THR B 42 24.68 5.77 -8.69
CA THR B 42 26.09 5.64 -9.03
C THR B 42 26.66 7.04 -9.22
N GLU B 43 25.90 7.91 -9.89
CA GLU B 43 26.47 9.22 -10.21
C GLU B 43 26.61 10.07 -8.97
N MET B 44 25.59 10.11 -8.11
CA MET B 44 25.69 10.97 -6.91
C MET B 44 26.60 10.38 -5.83
N GLU B 45 26.92 9.10 -5.98
CA GLU B 45 27.94 8.46 -5.18
C GLU B 45 29.33 8.97 -5.60
N LYS B 46 29.59 8.93 -6.91
CA LYS B 46 30.83 9.49 -7.43
C LYS B 46 31.01 10.97 -6.98
N GLU B 47 29.92 11.72 -6.83
CA GLU B 47 30.03 13.10 -6.40
C GLU B 47 30.05 13.26 -4.89
N GLY B 48 30.16 12.18 -4.13
CA GLY B 48 30.06 12.29 -2.69
C GLY B 48 28.73 12.67 -2.04
N LYS B 49 27.62 12.75 -2.80
CA LYS B 49 26.31 13.11 -2.22
C LYS B 49 25.63 12.06 -1.30
N ILE B 50 25.83 10.79 -1.63
CA ILE B 50 25.33 9.65 -0.84
C ILE B 50 26.46 8.64 -0.69
N SER B 51 26.28 7.66 0.19
CA SER B 51 27.29 6.60 0.39
C SER B 51 26.64 5.27 0.66
N LYS B 52 27.18 4.20 0.08
CA LYS B 52 26.74 2.87 0.48
C LYS B 52 26.77 2.75 1.99
N ILE B 53 25.89 1.92 2.54
CA ILE B 53 25.86 1.78 3.97
C ILE B 53 25.64 0.37 4.34
N GLY B 54 25.88 0.10 5.62
CA GLY B 54 25.96 -1.22 6.16
C GLY B 54 24.70 -1.71 6.81
N PRO B 55 24.72 -2.98 7.16
CA PRO B 55 23.66 -3.71 7.82
C PRO B 55 23.23 -2.93 9.04
N GLU B 56 24.19 -2.31 9.72
CA GLU B 56 24.00 -1.69 11.05
C GLU B 56 23.16 -0.42 11.01
N ASN B 57 22.63 -0.11 9.83
CA ASN B 57 21.71 1.01 9.71
C ASN B 57 20.37 0.39 9.43
N PRO B 58 19.49 0.36 10.45
CA PRO B 58 18.17 -0.22 10.42
C PRO B 58 17.05 0.69 9.82
N TYR B 59 17.39 1.89 9.31
CA TYR B 59 16.40 2.86 8.83
C TYR B 59 16.13 2.67 7.38
N ASN B 60 14.93 3.08 6.96
CA ASN B 60 14.56 3.03 5.54
C ASN B 60 13.41 3.95 5.22
N THR B 61 13.46 4.40 3.96
CA THR B 61 12.62 5.43 3.43
C THR B 61 12.45 5.09 1.98
N PRO B 62 11.20 4.99 1.47
CA PRO B 62 10.97 4.49 0.11
C PRO B 62 11.52 5.46 -0.89
N VAL B 63 11.76 4.94 -2.09
CA VAL B 63 12.32 5.72 -3.15
C VAL B 63 11.63 5.34 -4.47
N PHE B 64 11.45 6.30 -5.37
CA PHE B 64 10.76 5.99 -6.65
C PHE B 64 11.42 6.78 -7.75
N ALA B 65 11.07 6.44 -8.98
CA ALA B 65 11.43 7.24 -10.15
C ALA B 65 10.23 7.86 -10.82
N ILE B 66 10.29 9.16 -11.00
CA ILE B 66 9.27 9.90 -11.73
C ILE B 66 9.84 10.55 -12.97
N LYS B 67 8.98 11.30 -13.66
CA LYS B 67 9.34 12.02 -14.89
C LYS B 67 9.45 13.53 -14.76
N LYS B 68 8.34 14.22 -14.51
CA LYS B 68 8.29 15.72 -14.46
C LYS B 68 8.01 16.42 -15.80
N LYS B 69 7.00 17.31 -15.76
CA LYS B 69 6.36 17.95 -16.93
C LYS B 69 7.31 18.30 -18.10
N ASP B 70 7.23 17.48 -19.17
CA ASP B 70 8.17 17.51 -20.30
C ASP B 70 9.55 17.10 -19.77
N SER B 71 9.99 15.91 -20.18
CA SER B 71 11.33 15.46 -19.88
C SER B 71 11.37 13.99 -20.10
N THR B 72 12.58 13.51 -20.33
CA THR B 72 12.86 12.14 -20.76
C THR B 72 14.08 11.63 -19.94
N LYS B 73 14.48 12.47 -18.99
CA LYS B 73 15.35 12.03 -17.90
C LYS B 73 14.47 11.70 -16.66
N TRP B 74 14.68 10.51 -16.15
CA TRP B 74 14.06 10.13 -14.95
C TRP B 74 14.54 11.03 -13.84
N ARG B 75 13.71 11.24 -12.84
CA ARG B 75 14.13 11.97 -11.71
C ARG B 75 14.02 10.99 -10.52
N LYS B 76 14.85 11.19 -9.50
CA LYS B 76 14.73 10.41 -8.29
C LYS B 76 13.80 11.15 -7.33
N LEU B 77 12.95 10.44 -6.62
CA LEU B 77 12.05 11.11 -5.69
C LEU B 77 11.94 10.25 -4.47
N VAL B 78 12.36 10.77 -3.33
CA VAL B 78 12.47 9.99 -2.11
C VAL B 78 11.28 10.39 -1.25
N ASP B 79 10.51 9.44 -0.74
CA ASP B 79 9.37 9.78 0.06
C ASP B 79 9.83 9.97 1.51
N PHE B 80 9.93 11.21 1.95
CA PHE B 80 10.30 11.53 3.34
C PHE B 80 9.11 11.90 4.22
N ARG B 81 7.90 11.47 3.81
CA ARG B 81 6.71 11.68 4.64
C ARG B 81 6.97 11.28 6.13
N GLU B 82 7.39 10.04 6.32
CA GLU B 82 7.75 9.61 7.65
C GLU B 82 8.74 10.53 8.39
N LEU B 83 10.00 10.52 7.93
CA LEU B 83 11.02 11.45 8.38
C LEU B 83 10.50 12.86 8.68
N ASN B 84 9.73 13.47 7.79
CA ASN B 84 9.23 14.82 8.05
C ASN B 84 8.36 14.95 9.29
N LYS B 85 7.62 13.88 9.60
CA LYS B 85 6.75 13.82 10.78
C LYS B 85 7.58 13.67 12.04
N ARG B 86 8.65 12.92 11.93
CA ARG B 86 9.51 12.68 13.03
C ARG B 86 10.48 13.83 13.27
N THR B 87 10.40 14.86 12.42
CA THR B 87 11.28 16.00 12.56
C THR B 87 10.49 17.28 12.60
N GLN B 88 9.18 17.16 12.78
CA GLN B 88 8.29 18.32 12.70
C GLN B 88 8.74 19.49 13.56
N ASP B 89 9.48 19.19 14.62
CA ASP B 89 9.81 20.20 15.59
C ASP B 89 10.99 21.00 15.14
N PHE B 90 11.91 20.30 14.50
CA PHE B 90 13.07 20.93 13.95
C PHE B 90 12.73 21.92 12.81
N TRP B 91 12.04 21.46 11.77
CA TRP B 91 11.82 22.26 10.57
C TRP B 91 10.65 23.19 10.71
N GLU B 92 9.88 23.07 11.78
CA GLU B 92 8.61 23.80 11.81
C GLU B 92 8.53 24.81 12.91
N VAL B 93 9.01 24.42 14.09
CA VAL B 93 9.01 25.33 15.20
C VAL B 93 10.41 25.48 15.72
N GLN B 94 11.36 25.78 14.85
CA GLN B 94 12.72 25.94 15.30
C GLN B 94 13.50 26.62 14.19
N LEU B 95 13.21 26.19 12.96
CA LEU B 95 13.76 26.83 11.81
C LEU B 95 12.65 27.17 10.81
N GLY B 96 11.44 27.36 11.36
CA GLY B 96 10.24 27.62 10.59
C GLY B 96 10.48 28.66 9.52
N ILE B 97 9.79 28.51 8.38
CA ILE B 97 9.84 29.48 7.29
C ILE B 97 8.45 30.11 7.17
N PRO B 98 8.35 31.39 7.54
CA PRO B 98 7.07 32.09 7.57
C PRO B 98 6.40 32.21 6.18
N HIS B 99 5.10 31.87 6.12
CA HIS B 99 4.36 31.91 4.87
C HIS B 99 3.78 33.30 4.65
N PRO B 100 4.06 33.91 3.49
CA PRO B 100 3.55 35.27 3.36
C PRO B 100 2.14 35.30 2.83
N ALA B 101 1.29 36.08 3.49
CA ALA B 101 -0.13 36.04 3.16
C ALA B 101 -0.42 36.69 1.82
N GLY B 102 0.51 37.56 1.41
CA GLY B 102 0.43 38.30 0.17
C GLY B 102 0.54 37.34 -0.96
N LEU B 103 1.26 36.24 -0.79
CA LEU B 103 1.49 35.38 -1.97
C LEU B 103 0.22 35.08 -2.76
N LYS B 104 -0.90 34.75 -2.12
CA LYS B 104 -2.15 34.46 -2.86
C LYS B 104 -2.80 35.62 -3.58
N LYS B 105 -2.42 36.84 -3.25
CA LYS B 105 -3.07 38.00 -3.89
C LYS B 105 -2.45 38.42 -5.24
N LYS B 106 -1.28 37.91 -5.63
CA LYS B 106 -0.59 38.33 -6.82
C LYS B 106 -1.28 37.86 -8.04
N LYS B 107 -1.09 38.60 -9.13
CA LYS B 107 -1.68 38.20 -10.38
C LYS B 107 -1.07 36.93 -10.94
N SER B 108 0.23 36.68 -10.76
CA SER B 108 0.81 35.46 -11.33
C SER B 108 1.77 34.86 -10.38
N VAL B 109 1.78 33.54 -10.32
CA VAL B 109 2.79 32.90 -9.54
C VAL B 109 3.54 31.91 -10.35
N THR B 110 4.86 32.02 -10.28
CA THR B 110 5.69 31.04 -10.93
C THR B 110 6.37 30.19 -9.91
N VAL B 111 6.45 28.91 -10.20
CA VAL B 111 7.08 27.94 -9.36
C VAL B 111 8.42 27.51 -10.00
N LEU B 112 9.51 27.56 -9.24
CA LEU B 112 10.85 27.17 -9.72
C LEU B 112 11.45 26.14 -8.81
N ASP B 113 12.04 25.11 -9.43
CA ASP B 113 12.75 24.04 -8.75
C ASP B 113 14.11 24.54 -8.29
N VAL B 114 14.29 24.54 -6.99
CA VAL B 114 15.48 25.09 -6.42
C VAL B 114 16.27 23.98 -5.73
N GLY B 115 15.75 22.75 -5.85
CA GLY B 115 16.25 21.52 -5.20
C GLY B 115 17.72 21.16 -5.38
N ASP B 116 18.32 21.52 -6.52
CA ASP B 116 19.73 21.29 -6.76
C ASP B 116 20.60 22.15 -5.84
N ALA B 117 19.98 23.09 -5.15
CA ALA B 117 20.70 23.95 -4.25
C ALA B 117 21.24 23.20 -3.05
N TYR B 118 20.48 22.21 -2.60
CA TYR B 118 20.75 21.57 -1.33
C TYR B 118 21.99 20.72 -1.40
N PHE B 119 22.64 20.62 -2.54
CA PHE B 119 23.68 19.61 -2.62
C PHE B 119 25.03 20.19 -2.35
N SER B 120 25.05 21.51 -2.32
CA SER B 120 26.13 22.30 -1.76
C SER B 120 26.41 21.91 -0.31
N VAL B 121 25.37 21.82 0.50
CA VAL B 121 25.55 21.86 1.94
C VAL B 121 25.64 20.49 2.60
N PRO B 122 26.62 20.30 3.48
CA PRO B 122 26.69 18.94 4.06
C PRO B 122 25.73 18.74 5.22
N LEU B 123 25.35 17.48 5.43
CA LEU B 123 24.37 17.12 6.46
C LEU B 123 25.03 16.61 7.75
N ASP B 124 24.60 17.12 8.90
CA ASP B 124 25.16 16.75 10.19
C ASP B 124 25.35 15.25 10.25
N GLU B 125 26.58 14.82 10.52
CA GLU B 125 27.00 13.44 10.36
C GLU B 125 26.13 12.50 11.20
N ASP B 126 25.73 12.96 12.38
CA ASP B 126 24.87 12.15 13.23
C ASP B 126 23.40 12.13 12.78
N PHE B 127 23.09 12.71 11.63
CA PHE B 127 21.74 12.60 11.10
C PHE B 127 21.73 11.77 9.83
N ARG B 128 22.78 11.83 9.04
CA ARG B 128 22.82 11.01 7.86
C ARG B 128 22.08 9.65 8.01
N LYS B 129 22.15 9.00 9.17
CA LYS B 129 21.67 7.61 9.20
C LYS B 129 20.16 7.53 8.96
N TYR B 130 19.44 8.50 9.51
CA TYR B 130 18.02 8.61 9.28
C TYR B 130 17.56 8.74 7.82
N THR B 131 18.48 8.92 6.87
CA THR B 131 18.09 9.15 5.47
C THR B 131 18.25 7.89 4.59
N ALA B 132 18.36 6.75 5.23
CA ALA B 132 18.66 5.55 4.49
C ALA B 132 17.60 5.21 3.47
N PHE B 133 18.03 4.73 2.30
CA PHE B 133 17.03 4.22 1.33
C PHE B 133 17.56 3.06 0.58
N THR B 134 16.72 2.36 -0.20
CA THR B 134 17.09 1.08 -0.79
C THR B 134 16.61 1.00 -2.25
N ILE B 135 17.48 0.64 -3.17
CA ILE B 135 17.03 0.32 -4.50
C ILE B 135 16.75 -1.17 -4.55
N PRO B 136 15.51 -1.56 -4.83
CA PRO B 136 15.21 -2.99 -4.72
C PRO B 136 15.80 -3.72 -5.92
N SER B 137 15.69 -5.05 -5.94
CA SER B 137 16.09 -5.83 -7.11
C SER B 137 14.86 -6.59 -7.53
N ILE B 138 14.90 -7.25 -8.69
CA ILE B 138 13.81 -8.02 -9.22
C ILE B 138 13.89 -9.45 -8.79
N ASN B 139 12.74 -10.05 -8.51
CA ASN B 139 12.62 -11.41 -7.99
C ASN B 139 13.55 -11.63 -6.79
N ASN B 140 14.00 -10.55 -6.17
CA ASN B 140 14.88 -10.70 -4.99
C ASN B 140 16.24 -11.31 -5.31
N GLU B 141 16.68 -11.14 -6.54
CA GLU B 141 17.95 -11.72 -6.93
C GLU B 141 19.03 -11.43 -5.93
N THR B 142 19.10 -10.17 -5.51
CA THR B 142 20.25 -9.66 -4.76
C THR B 142 19.69 -8.80 -3.69
N PRO B 143 20.46 -8.53 -2.65
CA PRO B 143 19.97 -7.56 -1.65
C PRO B 143 19.77 -6.18 -2.26
N GLY B 144 18.92 -5.36 -1.70
CA GLY B 144 18.79 -4.05 -2.30
C GLY B 144 20.18 -3.42 -2.30
N ILE B 145 20.32 -2.30 -3.02
CA ILE B 145 21.53 -1.50 -2.91
C ILE B 145 21.14 -0.44 -1.91
N ARG B 146 21.74 -0.45 -0.73
CA ARG B 146 21.41 0.58 0.30
C ARG B 146 22.30 1.83 0.21
N TYR B 147 21.80 3.00 0.64
CA TYR B 147 22.60 4.24 0.64
C TYR B 147 22.03 5.21 1.64
N GLN B 148 22.86 6.16 2.07
CA GLN B 148 22.43 7.35 2.83
C GLN B 148 23.09 8.70 2.35
N TYR B 149 22.53 9.81 2.85
CA TYR B 149 22.87 11.11 2.36
C TYR B 149 24.02 11.70 3.13
N ASN B 150 24.93 12.35 2.41
CA ASN B 150 25.97 13.14 3.05
C ASN B 150 25.63 14.64 3.01
N VAL B 151 24.53 14.97 2.31
CA VAL B 151 24.12 16.36 2.05
C VAL B 151 22.63 16.59 2.19
N LEU B 152 22.16 17.83 2.17
CA LEU B 152 20.74 18.05 2.39
C LEU B 152 19.97 17.44 1.25
N PRO B 153 19.04 16.55 1.61
CA PRO B 153 18.31 15.83 0.60
C PRO B 153 17.11 16.66 0.13
N GLN B 154 16.81 16.56 -1.18
CA GLN B 154 15.53 16.94 -1.76
C GLN B 154 14.39 16.15 -1.11
N GLY B 155 13.33 16.86 -0.70
CA GLY B 155 12.15 16.18 -0.20
C GLY B 155 12.03 16.09 1.31
N TRP B 156 13.11 16.40 2.03
CA TRP B 156 13.10 16.48 3.49
C TRP B 156 12.97 17.92 3.90
N LYS B 157 11.97 18.21 4.73
CA LYS B 157 11.63 19.56 5.14
C LYS B 157 12.72 20.23 5.93
N GLY B 158 13.67 19.47 6.44
CA GLY B 158 14.76 20.11 7.13
C GLY B 158 15.65 20.89 6.19
N SER B 159 15.72 20.44 4.93
CA SER B 159 16.67 20.95 4.00
C SER B 159 16.43 22.42 3.76
N PRO B 160 15.19 22.83 3.40
CA PRO B 160 15.11 24.28 3.20
C PRO B 160 15.12 25.02 4.51
N ALA B 161 14.81 24.31 5.60
CA ALA B 161 14.78 24.88 6.96
C ALA B 161 16.14 25.48 7.22
N ILE B 162 17.16 24.66 6.95
CA ILE B 162 18.56 24.95 7.23
C ILE B 162 19.02 25.93 6.19
N PHE B 163 18.79 25.58 4.93
CA PHE B 163 19.24 26.38 3.81
C PHE B 163 18.65 27.76 3.79
N GLN B 164 17.65 28.00 4.58
CA GLN B 164 16.98 29.29 4.66
C GLN B 164 17.88 30.55 4.56
N SER B 165 18.98 30.57 5.33
CA SER B 165 19.80 31.77 5.54
C SER B 165 20.72 32.04 4.38
N SER B 166 21.05 31.01 3.63
CA SER B 166 21.78 31.23 2.39
C SER B 166 20.82 31.67 1.33
N MET B 167 19.59 31.15 1.38
CA MET B 167 18.60 31.52 0.40
C MET B 167 18.28 33.01 0.51
N THR B 168 18.27 33.52 1.74
CA THR B 168 18.02 34.93 1.92
C THR B 168 19.07 35.78 1.21
N LYS B 169 20.32 35.34 1.28
CA LYS B 169 21.41 36.09 0.64
C LYS B 169 21.34 36.03 -0.86
N ILE B 170 20.95 34.88 -1.39
CA ILE B 170 20.89 34.73 -2.81
C ILE B 170 19.91 35.75 -3.35
N LEU B 171 18.87 36.04 -2.57
CA LEU B 171 17.75 36.81 -3.07
C LEU B 171 17.79 38.26 -2.64
N GLU B 172 18.62 38.57 -1.64
CA GLU B 172 18.71 39.95 -1.19
C GLU B 172 18.84 41.00 -2.32
N PRO B 173 19.84 40.92 -3.22
CA PRO B 173 19.84 41.96 -4.27
C PRO B 173 18.52 42.08 -5.03
N PHE B 174 17.96 40.94 -5.41
CA PHE B 174 16.76 40.88 -6.23
C PHE B 174 15.53 41.35 -5.47
N ARG B 175 15.48 41.09 -4.15
CA ARG B 175 14.35 41.59 -3.35
C ARG B 175 14.36 43.11 -3.20
N LYS B 176 15.56 43.63 -2.90
CA LYS B 176 15.89 45.06 -2.88
C LYS B 176 15.42 45.73 -4.16
N GLN B 177 15.55 45.09 -5.30
CA GLN B 177 15.19 45.77 -6.55
C GLN B 177 13.75 45.57 -7.01
N ASN B 178 13.04 44.55 -6.51
CA ASN B 178 11.63 44.45 -6.80
C ASN B 178 10.88 44.23 -5.51
N PRO B 179 10.63 45.34 -4.77
CA PRO B 179 10.07 45.15 -3.41
C PRO B 179 8.60 44.68 -3.43
N ASP B 180 7.91 44.86 -4.56
CA ASP B 180 6.57 44.33 -4.70
C ASP B 180 6.60 42.92 -5.28
N ILE B 181 7.66 42.17 -5.03
CA ILE B 181 7.64 40.79 -5.43
C ILE B 181 7.73 39.85 -4.24
N VAL B 182 6.90 38.81 -4.25
CA VAL B 182 6.88 37.85 -3.17
C VAL B 182 7.56 36.52 -3.58
N ILE B 183 8.52 36.12 -2.78
CA ILE B 183 9.20 34.90 -2.99
C ILE B 183 9.05 34.10 -1.72
N TYR B 184 8.58 32.87 -1.87
CA TYR B 184 8.31 32.02 -0.75
C TYR B 184 8.96 30.70 -1.09
N GLN B 185 9.68 30.13 -0.14
CA GLN B 185 10.28 28.84 -0.35
C GLN B 185 9.46 27.75 0.37
N TYR B 186 8.96 26.77 -0.39
CA TYR B 186 8.31 25.60 0.21
C TYR B 186 8.94 24.30 -0.26
N MET B 187 9.65 23.65 0.66
CA MET B 187 10.39 22.41 0.34
C MET B 187 11.41 22.67 -0.79
N ASP B 188 11.34 21.91 -1.87
CA ASP B 188 12.23 22.06 -3.00
C ASP B 188 11.92 23.26 -3.96
N ASP B 189 10.80 23.97 -3.78
CA ASP B 189 10.42 24.98 -4.75
C ASP B 189 10.43 26.40 -4.26
N LEU B 190 10.63 27.28 -5.22
CA LEU B 190 10.42 28.70 -4.98
C LEU B 190 9.09 29.20 -5.58
N TYR B 191 8.33 29.97 -4.82
CA TYR B 191 7.11 30.57 -5.36
C TYR B 191 7.35 32.06 -5.52
N VAL B 192 7.10 32.56 -6.74
CA VAL B 192 7.35 33.96 -7.04
C VAL B 192 6.14 34.60 -7.66
N GLY B 193 5.56 35.56 -6.96
CA GLY B 193 4.37 36.24 -7.46
C GLY B 193 4.55 37.73 -7.64
N SER B 194 3.91 38.24 -8.68
CA SER B 194 4.02 39.67 -9.01
C SER B 194 2.69 40.13 -9.56
N ASP B 195 2.52 41.44 -9.58
CA ASP B 195 1.35 42.02 -10.20
C ASP B 195 1.66 42.53 -11.58
N LEU B 196 2.81 42.17 -12.14
CA LEU B 196 3.22 42.67 -13.47
C LEU B 196 2.40 42.07 -14.61
N GLU B 197 2.46 42.74 -15.76
CA GLU B 197 1.90 42.26 -17.02
C GLU B 197 2.61 40.93 -17.29
N ILE B 198 1.99 40.02 -18.03
CA ILE B 198 2.58 38.66 -18.19
C ILE B 198 3.98 38.60 -18.81
N GLY B 199 4.23 39.48 -19.80
CA GLY B 199 5.55 39.70 -20.33
C GLY B 199 6.56 40.16 -19.31
N GLN B 200 6.24 41.15 -18.50
CA GLN B 200 7.25 41.67 -17.57
C GLN B 200 7.51 40.67 -16.48
N HIS B 201 6.46 39.87 -16.21
CA HIS B 201 6.55 38.86 -15.21
C HIS B 201 7.54 37.80 -15.69
N ARG B 202 7.26 37.16 -16.83
CA ARG B 202 8.16 36.12 -17.36
C ARG B 202 9.60 36.65 -17.45
N THR B 203 9.72 37.96 -17.73
CA THR B 203 10.99 38.63 -17.72
C THR B 203 11.58 38.68 -16.34
N LYS B 204 10.83 39.07 -15.33
CA LYS B 204 11.46 39.14 -14.00
C LYS B 204 11.97 37.79 -13.51
N ILE B 205 11.24 36.76 -13.85
CA ILE B 205 11.64 35.38 -13.51
C ILE B 205 12.89 34.95 -14.26
N GLU B 206 12.99 35.35 -15.53
CA GLU B 206 14.16 35.09 -16.34
C GLU B 206 15.32 35.69 -15.62
N GLU B 207 15.07 36.85 -15.06
CA GLU B 207 16.12 37.61 -14.44
C GLU B 207 16.48 36.98 -13.13
N LEU B 208 15.48 36.44 -12.42
CA LEU B 208 15.74 35.78 -11.13
C LEU B 208 16.53 34.44 -11.27
N ARG B 209 16.35 33.73 -12.39
CA ARG B 209 17.15 32.51 -12.69
C ARG B 209 18.67 32.78 -12.91
N GLN B 210 19.05 34.02 -13.20
CA GLN B 210 20.47 34.38 -13.29
C GLN B 210 21.11 34.55 -11.92
N HIS B 211 20.37 35.16 -11.00
CA HIS B 211 20.83 35.24 -9.64
C HIS B 211 21.03 33.82 -9.18
N LEU B 212 20.01 32.99 -9.32
CA LEU B 212 20.11 31.59 -8.90
C LEU B 212 21.32 30.95 -9.57
N LEU B 213 21.35 31.07 -10.90
CA LEU B 213 22.42 30.48 -11.69
C LEU B 213 23.82 30.82 -11.13
N ARG B 214 24.02 32.05 -10.67
CA ARG B 214 25.33 32.40 -10.18
C ARG B 214 25.75 31.62 -8.96
N TRP B 215 24.89 30.77 -8.44
CA TRP B 215 25.15 30.11 -7.16
C TRP B 215 24.94 28.62 -7.26
N GLY B 216 24.81 28.13 -8.48
CA GLY B 216 24.46 26.73 -8.76
C GLY B 216 23.05 26.60 -9.30
N LEU B 217 22.07 26.69 -8.41
CA LEU B 217 20.70 26.26 -8.70
C LEU B 217 20.23 26.69 -10.09
N THR B 218 19.67 25.73 -10.84
CA THR B 218 19.27 25.89 -12.26
C THR B 218 17.84 25.40 -12.55
N GLY B 234 9.39 28.52 -15.92
CA GLY B 234 8.66 27.30 -15.58
C GLY B 234 7.18 27.55 -15.30
N TYR B 235 6.70 26.86 -14.25
CA TYR B 235 5.28 26.80 -13.83
C TYR B 235 4.48 28.09 -13.44
N GLU B 236 3.48 28.48 -14.27
CA GLU B 236 2.63 29.71 -14.11
C GLU B 236 1.15 29.67 -13.59
N LEU B 237 0.96 30.07 -12.35
CA LEU B 237 -0.32 30.08 -11.69
C LEU B 237 -0.92 31.44 -11.62
N HIS B 238 -2.24 31.47 -11.48
CA HIS B 238 -2.99 32.71 -11.40
C HIS B 238 -4.00 32.66 -10.26
N PRO B 239 -3.56 33.09 -9.08
CA PRO B 239 -4.25 32.90 -7.81
C PRO B 239 -5.44 33.83 -7.61
N ASP B 240 -5.30 35.11 -8.01
CA ASP B 240 -6.47 36.05 -7.96
C ASP B 240 -7.64 35.50 -8.78
N LYS B 241 -7.35 34.82 -9.89
CA LYS B 241 -8.36 34.22 -10.73
C LYS B 241 -8.80 32.84 -10.23
N TRP B 242 -8.49 32.51 -8.97
CA TRP B 242 -9.06 31.29 -8.34
C TRP B 242 -10.35 31.72 -7.68
N THR B 243 -11.50 31.38 -8.30
CA THR B 243 -12.82 31.73 -7.70
C THR B 243 -13.65 30.52 -7.24
N VAL B 244 -14.71 30.81 -6.49
CA VAL B 244 -15.56 29.81 -5.83
C VAL B 244 -16.01 28.61 -6.67
N GLN B 245 -16.38 27.56 -5.97
CA GLN B 245 -17.33 26.53 -6.50
C GLN B 245 -18.70 26.56 -5.72
N PRO B 246 -19.64 27.46 -6.14
CA PRO B 246 -20.93 27.60 -5.45
C PRO B 246 -21.76 26.33 -5.61
N ILE B 247 -22.31 25.83 -4.51
CA ILE B 247 -23.25 24.73 -4.56
C ILE B 247 -24.37 25.24 -5.44
N VAL B 248 -24.48 24.64 -6.61
CA VAL B 248 -25.33 25.14 -7.66
C VAL B 248 -26.67 24.39 -7.60
N LEU B 249 -27.74 25.15 -7.44
CA LEU B 249 -29.07 24.59 -7.56
C LEU B 249 -29.50 24.89 -8.96
N PRO B 250 -30.41 24.08 -9.52
CA PRO B 250 -30.94 24.31 -10.87
C PRO B 250 -31.91 25.51 -11.01
N GLU B 251 -32.09 25.98 -12.26
CA GLU B 251 -33.21 26.86 -12.64
C GLU B 251 -34.00 26.08 -13.67
N LYS B 252 -35.32 26.15 -13.56
CA LYS B 252 -36.19 25.36 -14.44
C LYS B 252 -37.64 25.81 -14.43
N ASP B 253 -38.32 25.43 -15.52
CA ASP B 253 -39.78 25.44 -15.69
C ASP B 253 -40.25 24.00 -15.43
N SER B 254 -41.48 23.85 -14.94
CA SER B 254 -41.99 22.53 -14.58
C SER B 254 -41.06 21.77 -13.61
N TRP B 255 -41.18 22.06 -12.30
CA TRP B 255 -40.50 21.31 -11.24
C TRP B 255 -41.34 20.15 -10.81
N THR B 256 -40.67 19.00 -10.67
CA THR B 256 -41.28 17.73 -10.38
C THR B 256 -41.08 17.37 -8.94
N VAL B 257 -41.96 16.53 -8.42
CA VAL B 257 -41.86 16.03 -7.03
C VAL B 257 -40.38 15.65 -6.65
N ASN B 258 -39.86 14.68 -7.39
CA ASN B 258 -38.45 14.36 -7.40
C ASN B 258 -37.51 15.59 -7.35
N ASP B 259 -37.69 16.52 -8.27
CA ASP B 259 -36.77 17.61 -8.35
C ASP B 259 -36.78 18.35 -7.05
N ILE B 260 -37.98 18.47 -6.48
CA ILE B 260 -38.09 19.17 -5.19
C ILE B 260 -37.33 18.38 -4.11
N GLN B 261 -37.57 17.07 -4.10
CA GLN B 261 -36.97 16.15 -3.14
C GLN B 261 -35.48 16.31 -3.16
N LYS B 262 -34.91 16.16 -4.36
CA LYS B 262 -33.51 16.47 -4.66
C LYS B 262 -33.13 17.85 -4.16
N LEU B 263 -34.01 18.79 -4.38
CA LEU B 263 -33.74 20.16 -4.02
C LEU B 263 -33.60 20.36 -2.52
N VAL B 264 -34.60 19.94 -1.77
CA VAL B 264 -34.47 20.01 -0.31
C VAL B 264 -33.33 19.10 0.18
N GLY B 265 -33.16 17.98 -0.50
CA GLY B 265 -32.00 17.13 -0.27
C GLY B 265 -30.72 17.95 -0.25
N LYS B 266 -30.39 18.54 -1.42
CA LYS B 266 -29.16 19.33 -1.59
C LYS B 266 -29.15 20.48 -0.62
N LEU B 267 -30.30 21.14 -0.50
CA LEU B 267 -30.48 22.26 0.43
C LEU B 267 -30.30 21.84 1.88
N ASN B 268 -30.93 20.72 2.23
CA ASN B 268 -30.84 20.17 3.56
C ASN B 268 -29.41 20.07 3.98
N TRP B 269 -28.59 19.57 3.09
CA TRP B 269 -27.18 19.38 3.40
C TRP B 269 -26.33 20.66 3.33
N ALA B 270 -26.74 21.64 2.52
CA ALA B 270 -26.06 22.92 2.45
C ALA B 270 -26.14 23.71 3.79
N SER B 271 -27.25 23.55 4.51
CA SER B 271 -27.35 24.06 5.89
C SER B 271 -26.50 23.09 6.64
N GLN B 272 -25.91 23.54 7.75
CA GLN B 272 -24.88 22.77 8.52
C GLN B 272 -23.51 23.40 8.31
N ILE B 273 -23.27 23.88 7.08
CA ILE B 273 -22.14 24.76 6.80
C ILE B 273 -22.64 26.15 6.43
N TYR B 274 -23.68 26.24 5.59
CA TYR B 274 -24.22 27.54 5.23
C TYR B 274 -25.31 28.06 6.16
N PRO B 275 -24.95 29.08 6.98
CA PRO B 275 -25.81 29.74 7.98
C PRO B 275 -27.03 30.50 7.42
N GLY B 276 -28.22 29.90 7.56
CA GLY B 276 -29.46 30.57 7.19
C GLY B 276 -30.31 29.88 6.15
N ILE B 277 -29.71 28.92 5.46
CA ILE B 277 -30.41 28.12 4.48
C ILE B 277 -31.72 27.62 5.09
N LYS B 278 -32.84 27.89 4.43
CA LYS B 278 -34.15 27.48 4.99
C LYS B 278 -34.91 26.63 3.97
N VAL B 279 -35.77 25.71 4.42
CA VAL B 279 -36.48 24.84 3.45
C VAL B 279 -38.00 24.72 3.60
N ARG B 280 -38.55 25.19 4.72
CA ARG B 280 -39.97 24.90 5.06
C ARG B 280 -40.97 25.16 3.91
N GLN B 281 -40.83 26.32 3.27
CA GLN B 281 -41.67 26.71 2.14
C GLN B 281 -41.61 25.67 1.04
N LEU B 282 -40.39 25.49 0.55
CA LEU B 282 -40.04 24.42 -0.36
C LEU B 282 -40.61 23.08 0.11
N CYS B 283 -40.32 22.76 1.36
CA CYS B 283 -40.77 21.53 1.93
C CYS B 283 -42.29 21.31 1.86
N LYS B 284 -43.06 22.27 2.38
CA LYS B 284 -44.53 22.25 2.31
C LYS B 284 -45.11 21.89 0.95
N LEU B 285 -44.45 22.31 -0.13
CA LEU B 285 -44.84 21.94 -1.51
C LEU B 285 -45.29 20.49 -1.67
N LEU B 286 -44.50 19.57 -1.10
CA LEU B 286 -44.75 18.13 -1.13
C LEU B 286 -45.48 17.78 0.14
N ARG B 287 -46.72 17.29 0.01
CA ARG B 287 -47.59 16.95 1.16
C ARG B 287 -48.58 15.86 0.76
N GLY B 288 -48.75 14.87 1.62
CA GLY B 288 -49.42 13.61 1.28
C GLY B 288 -48.44 12.70 0.54
N THR B 289 -48.94 11.68 -0.12
CA THR B 289 -48.10 10.63 -0.72
C THR B 289 -48.32 10.45 -2.25
N LYS B 290 -47.59 11.24 -3.02
CA LYS B 290 -47.84 11.37 -4.45
C LYS B 290 -46.62 11.01 -5.30
N ALA B 291 -46.87 10.29 -6.39
CA ALA B 291 -45.96 10.14 -7.54
C ALA B 291 -44.84 11.21 -7.75
N LEU B 292 -43.63 10.74 -8.09
CA LEU B 292 -42.47 11.62 -8.24
C LEU B 292 -42.53 12.41 -9.54
N THR B 293 -43.12 11.79 -10.56
CA THR B 293 -43.30 12.44 -11.84
C THR B 293 -44.39 13.54 -11.82
N GLU B 294 -45.34 13.46 -10.91
CA GLU B 294 -46.34 14.50 -10.81
C GLU B 294 -45.63 15.84 -10.77
N VAL B 295 -46.01 16.69 -11.73
CA VAL B 295 -45.52 18.05 -11.88
C VAL B 295 -46.19 18.87 -10.81
N ILE B 296 -45.48 19.75 -10.13
CA ILE B 296 -46.19 20.68 -9.25
C ILE B 296 -45.84 22.15 -9.49
N PRO B 297 -46.82 23.06 -9.23
CA PRO B 297 -46.68 24.51 -9.39
C PRO B 297 -45.91 25.11 -8.23
N LEU B 298 -44.99 26.02 -8.51
CA LEU B 298 -44.15 26.54 -7.45
C LEU B 298 -44.66 27.86 -6.82
N THR B 299 -45.44 27.73 -5.74
CA THR B 299 -45.95 28.90 -5.02
C THR B 299 -44.87 29.97 -4.71
N GLU B 300 -45.29 31.23 -4.71
CA GLU B 300 -44.40 32.40 -4.70
C GLU B 300 -43.46 32.44 -3.52
N GLU B 301 -43.98 31.98 -2.38
CA GLU B 301 -43.25 31.93 -1.11
C GLU B 301 -42.05 30.98 -1.21
N ALA B 302 -42.22 29.92 -1.99
CA ALA B 302 -41.15 28.95 -2.25
C ALA B 302 -39.97 29.61 -2.99
N GLU B 303 -40.28 30.42 -4.00
CA GLU B 303 -39.25 31.11 -4.75
C GLU B 303 -38.43 32.13 -3.94
N LEU B 304 -39.00 32.60 -2.84
CA LEU B 304 -38.30 33.50 -1.94
C LEU B 304 -37.14 32.79 -1.25
N GLU B 305 -37.28 31.46 -1.09
CA GLU B 305 -36.19 30.66 -0.55
C GLU B 305 -35.13 30.39 -1.62
N LEU B 306 -35.54 29.78 -2.73
CA LEU B 306 -34.63 29.56 -3.84
C LEU B 306 -33.66 30.72 -3.89
N ALA B 307 -34.22 31.93 -4.02
CA ALA B 307 -33.47 33.15 -4.23
C ALA B 307 -32.54 33.42 -3.06
N GLU B 308 -33.14 33.63 -1.88
CA GLU B 308 -32.38 33.79 -0.64
C GLU B 308 -31.24 32.77 -0.59
N ASN B 309 -31.61 31.50 -0.71
CA ASN B 309 -30.64 30.43 -0.78
C ASN B 309 -29.57 30.69 -1.85
N ARG B 310 -30.01 30.96 -3.08
CA ARG B 310 -29.10 31.17 -4.21
C ARG B 310 -27.98 32.15 -3.88
N GLU B 311 -28.33 33.26 -3.24
CA GLU B 311 -27.35 34.30 -2.94
C GLU B 311 -26.42 33.92 -1.79
N ILE B 312 -26.98 33.38 -0.71
CA ILE B 312 -26.18 32.91 0.44
C ILE B 312 -25.21 31.90 -0.08
N LEU B 313 -25.64 31.23 -1.15
CA LEU B 313 -24.97 30.05 -1.67
C LEU B 313 -23.75 30.35 -2.55
N LYS B 314 -23.69 31.57 -3.08
CA LYS B 314 -22.57 32.03 -3.93
C LYS B 314 -21.43 32.62 -3.09
N GLU B 315 -21.73 32.98 -1.83
CA GLU B 315 -20.78 33.71 -0.96
C GLU B 315 -19.79 32.85 -0.11
N PRO B 316 -18.69 33.48 0.41
CA PRO B 316 -17.85 32.77 1.40
C PRO B 316 -18.63 32.53 2.72
N VAL B 317 -18.15 31.54 3.48
CA VAL B 317 -18.93 30.90 4.52
C VAL B 317 -19.31 31.83 5.67
N HIS B 318 -18.31 32.46 6.28
CA HIS B 318 -18.54 33.18 7.50
C HIS B 318 -18.52 32.23 8.67
N GLY B 319 -17.48 32.40 9.48
CA GLY B 319 -17.29 31.56 10.64
C GLY B 319 -16.01 30.77 10.54
N VAL B 320 -15.48 30.70 9.33
CA VAL B 320 -14.43 29.73 9.08
C VAL B 320 -13.16 30.43 8.78
N TYR B 321 -12.14 30.07 9.54
CA TYR B 321 -10.82 30.65 9.53
C TYR B 321 -9.76 29.58 9.63
N TYR B 322 -8.67 29.78 8.89
CA TYR B 322 -7.52 28.92 9.00
C TYR B 322 -6.97 28.91 10.41
N ASP B 323 -7.02 27.78 11.09
CA ASP B 323 -6.24 27.69 12.30
C ASP B 323 -4.92 26.98 11.96
N PRO B 324 -3.76 27.63 12.19
CA PRO B 324 -2.42 27.12 11.84
C PRO B 324 -1.94 25.92 12.61
N SER B 325 -2.52 25.68 13.76
CA SER B 325 -2.10 24.56 14.58
C SER B 325 -2.78 23.25 14.15
N LYS B 326 -3.92 23.36 13.48
CA LYS B 326 -4.64 22.20 12.93
C LYS B 326 -4.18 21.73 11.52
N ASP B 327 -4.27 20.42 11.29
CA ASP B 327 -4.06 19.78 9.95
C ASP B 327 -5.13 20.24 8.89
N LEU B 328 -4.81 20.24 7.59
CA LEU B 328 -5.81 20.55 6.56
C LEU B 328 -6.30 19.27 5.91
N ILE B 329 -7.59 19.11 5.71
CA ILE B 329 -8.06 17.94 4.99
C ILE B 329 -8.54 18.29 3.60
N ALA B 330 -8.34 17.41 2.63
CA ALA B 330 -9.03 17.54 1.32
C ALA B 330 -9.73 16.26 0.89
N GLU B 331 -10.98 16.41 0.47
CA GLU B 331 -11.82 15.32 0.00
C GLU B 331 -12.06 15.62 -1.45
N ILE B 332 -12.22 14.58 -2.26
CA ILE B 332 -12.33 14.69 -3.71
C ILE B 332 -13.41 13.75 -4.17
N GLN B 333 -14.23 14.15 -5.13
CA GLN B 333 -15.22 13.24 -5.65
C GLN B 333 -15.16 13.14 -7.16
N LYS B 334 -15.34 11.93 -7.66
CA LYS B 334 -15.41 11.69 -9.10
C LYS B 334 -16.81 12.11 -9.62
N GLN B 335 -16.88 13.12 -10.49
CA GLN B 335 -18.17 13.47 -11.10
C GLN B 335 -18.38 12.86 -12.47
N GLY B 336 -17.43 12.05 -12.94
CA GLY B 336 -17.54 11.37 -14.23
C GLY B 336 -17.32 12.32 -15.37
N GLN B 337 -17.33 11.81 -16.60
CA GLN B 337 -16.90 12.55 -17.81
C GLN B 337 -15.69 13.50 -17.57
N GLY B 338 -14.72 13.01 -16.80
CA GLY B 338 -13.45 13.74 -16.66
C GLY B 338 -13.39 14.88 -15.64
N GLN B 339 -14.43 15.05 -14.83
CA GLN B 339 -14.37 16.14 -13.83
C GLN B 339 -14.41 15.65 -12.40
N TRP B 340 -13.90 16.49 -11.52
CA TRP B 340 -13.69 16.11 -10.13
C TRP B 340 -13.93 17.34 -9.28
N THR B 341 -14.68 17.18 -8.20
CA THR B 341 -14.89 18.29 -7.30
C THR B 341 -14.01 18.05 -6.08
N TYR B 342 -13.76 19.11 -5.30
CA TYR B 342 -13.12 18.93 -4.02
C TYR B 342 -13.33 20.08 -3.04
N GLN B 343 -13.05 19.78 -1.78
CA GLN B 343 -13.23 20.72 -0.67
C GLN B 343 -12.04 20.51 0.26
N ILE B 344 -11.49 21.63 0.72
CA ILE B 344 -10.46 21.67 1.73
C ILE B 344 -11.09 22.30 3.00
N TYR B 345 -10.80 21.71 4.17
CA TYR B 345 -11.41 22.15 5.40
C TYR B 345 -10.55 21.66 6.53
N GLN B 346 -10.82 22.11 7.75
CA GLN B 346 -10.12 21.65 8.96
C GLN B 346 -11.08 20.98 9.93
N GLU B 347 -12.24 21.59 10.13
CA GLU B 347 -13.36 21.00 10.84
C GLU B 347 -14.38 20.53 9.81
N PRO B 348 -14.81 19.26 9.87
CA PRO B 348 -15.67 18.73 8.80
C PRO B 348 -16.85 19.64 8.53
N PHE B 349 -17.06 19.92 7.24
CA PHE B 349 -18.02 20.88 6.79
C PHE B 349 -17.55 22.34 6.73
N LYS B 350 -16.72 22.75 7.69
CA LYS B 350 -16.27 24.14 7.68
C LYS B 350 -15.24 24.41 6.57
N ASN B 351 -15.77 24.56 5.36
CA ASN B 351 -15.00 24.67 4.13
C ASN B 351 -14.14 25.91 3.94
N LEU B 352 -12.84 25.68 3.86
CA LEU B 352 -11.91 26.72 3.52
C LEU B 352 -11.89 27.01 2.03
N LYS B 353 -12.14 26.01 1.21
CA LYS B 353 -12.05 26.19 -0.21
C LYS B 353 -12.70 25.04 -0.91
N THR B 354 -13.35 25.36 -2.03
CA THR B 354 -13.98 24.34 -2.82
C THR B 354 -13.70 24.63 -4.28
N GLY B 355 -13.79 23.61 -5.13
CA GLY B 355 -13.24 23.69 -6.50
C GLY B 355 -13.66 22.54 -7.37
N LYS B 356 -13.28 22.60 -8.64
CA LYS B 356 -13.51 21.49 -9.54
C LYS B 356 -12.22 21.33 -10.30
N TYR B 357 -11.98 20.14 -10.79
CA TYR B 357 -10.91 19.97 -11.76
C TYR B 357 -11.47 19.17 -12.93
N ALA B 358 -11.13 19.60 -14.14
CA ALA B 358 -11.57 18.93 -15.34
C ALA B 358 -10.39 18.62 -16.27
N ARG B 359 -10.47 17.50 -16.99
CA ARG B 359 -9.53 17.18 -18.08
C ARG B 359 -9.86 18.00 -19.33
N HIS B 364 -6.08 10.12 -24.49
CA HIS B 364 -5.41 9.31 -23.46
C HIS B 364 -5.40 9.94 -22.01
N THR B 365 -6.54 9.89 -21.28
CA THR B 365 -6.58 10.23 -19.80
C THR B 365 -7.53 9.41 -18.89
N ASN B 366 -7.00 8.35 -18.27
CA ASN B 366 -7.71 7.48 -17.33
C ASN B 366 -7.96 8.06 -15.94
N ASP B 367 -8.64 7.31 -15.06
CA ASP B 367 -8.99 7.83 -13.74
C ASP B 367 -7.80 8.14 -12.87
N VAL B 368 -6.84 7.22 -12.85
CA VAL B 368 -5.73 7.37 -11.96
C VAL B 368 -4.87 8.53 -12.42
N LYS B 369 -4.73 8.68 -13.72
CA LYS B 369 -3.99 9.79 -14.21
C LYS B 369 -4.62 11.11 -13.73
N GLN B 370 -5.95 11.17 -13.85
CA GLN B 370 -6.75 12.37 -13.54
C GLN B 370 -6.74 12.72 -12.06
N LEU B 371 -7.01 11.70 -11.26
CA LEU B 371 -6.95 11.82 -9.84
C LEU B 371 -5.54 12.32 -9.49
N THR B 372 -4.50 11.94 -10.23
CA THR B 372 -3.16 12.39 -9.91
C THR B 372 -3.03 13.89 -10.19
N GLU B 373 -3.42 14.32 -11.37
CA GLU B 373 -3.37 15.71 -11.71
C GLU B 373 -4.10 16.58 -10.65
N ALA B 374 -5.24 16.13 -10.18
CA ALA B 374 -6.00 16.97 -9.28
C ALA B 374 -5.32 17.09 -7.92
N VAL B 375 -4.77 15.96 -7.44
CA VAL B 375 -4.14 15.95 -6.16
C VAL B 375 -3.04 16.98 -6.21
N GLN B 376 -2.38 17.12 -7.36
CA GLN B 376 -1.22 18.00 -7.43
C GLN B 376 -1.70 19.40 -7.49
N LYS B 377 -2.78 19.57 -8.22
CA LYS B 377 -3.20 20.90 -8.41
C LYS B 377 -3.72 21.48 -7.09
N ILE B 378 -4.46 20.67 -6.30
CA ILE B 378 -5.04 21.12 -5.01
C ILE B 378 -3.94 21.35 -4.00
N THR B 379 -2.93 20.47 -4.06
CA THR B 379 -1.84 20.59 -3.15
C THR B 379 -1.14 21.89 -3.40
N THR B 380 -0.80 22.20 -4.65
CA THR B 380 -0.04 23.45 -4.89
C THR B 380 -0.88 24.72 -4.53
N GLU B 381 -2.18 24.70 -4.75
CA GLU B 381 -3.05 25.81 -4.30
C GLU B 381 -3.00 25.92 -2.82
N SER B 382 -3.15 24.78 -2.20
CA SER B 382 -3.15 24.76 -0.79
C SER B 382 -1.79 25.33 -0.31
N ILE B 383 -0.70 25.01 -1.03
CA ILE B 383 0.62 25.57 -0.67
C ILE B 383 0.68 27.12 -0.78
N VAL B 384 0.08 27.66 -1.84
CA VAL B 384 0.09 29.10 -2.09
C VAL B 384 -0.73 29.83 -1.02
N ILE B 385 -1.89 29.25 -0.67
CA ILE B 385 -2.79 29.86 0.28
C ILE B 385 -2.32 29.72 1.74
N TRP B 386 -1.94 28.54 2.19
CA TRP B 386 -1.68 28.35 3.65
C TRP B 386 -0.25 27.98 4.00
N GLY B 387 0.56 27.68 2.99
CA GLY B 387 1.93 27.25 3.26
C GLY B 387 2.03 25.89 3.95
N LYS B 388 1.05 25.00 3.72
CA LYS B 388 1.10 23.62 4.14
C LYS B 388 0.26 22.74 3.19
N THR B 389 0.49 21.44 3.16
CA THR B 389 -0.26 20.61 2.23
C THR B 389 -1.29 19.78 3.02
N PRO B 390 -2.44 19.46 2.36
CA PRO B 390 -3.59 18.74 2.91
C PRO B 390 -3.32 17.25 3.04
N LYS B 391 -4.00 16.57 3.97
CA LYS B 391 -4.12 15.09 3.95
C LYS B 391 -5.27 14.78 2.99
N PHE B 392 -5.03 14.01 1.94
CA PHE B 392 -6.08 13.70 0.96
C PHE B 392 -6.90 12.43 1.31
N LYS B 393 -8.22 12.58 1.35
CA LYS B 393 -9.10 11.42 1.28
C LYS B 393 -9.35 10.96 -0.16
N LEU B 394 -8.80 9.81 -0.56
CA LEU B 394 -8.78 9.44 -1.98
C LEU B 394 -9.74 8.33 -2.38
N PRO B 395 -10.73 8.64 -3.25
CA PRO B 395 -11.83 7.74 -3.65
C PRO B 395 -11.37 6.65 -4.56
N ILE B 396 -10.56 5.75 -4.02
CA ILE B 396 -9.80 4.78 -4.82
C ILE B 396 -9.20 3.72 -3.88
N GLN B 397 -9.05 2.51 -4.39
CA GLN B 397 -8.44 1.36 -3.67
C GLN B 397 -6.94 1.62 -3.47
N LYS B 398 -6.49 1.43 -2.24
CA LYS B 398 -5.08 1.57 -1.89
C LYS B 398 -4.13 1.06 -2.96
N GLU B 399 -4.32 -0.20 -3.29
CA GLU B 399 -3.35 -0.93 -4.01
C GLU B 399 -3.19 -0.38 -5.40
N THR B 400 -4.32 -0.15 -6.06
CA THR B 400 -4.31 0.49 -7.39
C THR B 400 -3.47 1.78 -7.34
N TRP B 401 -3.79 2.63 -6.36
CA TRP B 401 -3.25 3.94 -6.24
C TRP B 401 -1.78 3.72 -6.03
N GLU B 402 -1.46 2.83 -5.09
CA GLU B 402 -0.05 2.66 -4.79
C GLU B 402 0.75 2.10 -5.97
N THR B 403 0.21 1.13 -6.68
CA THR B 403 0.89 0.69 -7.88
C THR B 403 1.03 1.77 -8.96
N TRP B 404 0.05 2.65 -9.09
CA TRP B 404 -0.01 3.49 -10.31
C TRP B 404 0.35 4.95 -10.17
N TRP B 405 0.29 5.47 -8.96
CA TRP B 405 0.51 6.90 -8.80
C TRP B 405 1.77 7.50 -9.39
N THR B 406 2.84 6.73 -9.51
CA THR B 406 4.07 7.38 -9.96
C THR B 406 4.12 7.52 -11.45
N GLU B 407 3.27 6.79 -12.19
CA GLU B 407 3.31 6.89 -13.66
C GLU B 407 3.00 8.28 -14.08
N TYR B 408 2.37 9.05 -13.19
CA TYR B 408 1.90 10.35 -13.61
C TYR B 408 2.37 11.46 -12.71
N TRP B 409 2.76 11.09 -11.48
CA TRP B 409 3.26 12.09 -10.53
C TRP B 409 4.39 12.88 -11.16
N GLN B 410 4.43 14.18 -10.85
CA GLN B 410 5.49 15.05 -11.32
C GLN B 410 5.97 16.01 -10.29
N ALA B 411 5.28 16.10 -9.17
CA ALA B 411 5.68 17.08 -8.17
C ALA B 411 6.89 16.51 -7.49
N THR B 412 7.61 17.36 -6.79
CA THR B 412 8.80 16.88 -6.03
C THR B 412 8.49 16.58 -4.57
N TRP B 413 7.33 17.03 -4.08
CA TRP B 413 6.83 16.64 -2.74
C TRP B 413 5.80 15.53 -2.82
N ILE B 414 5.45 14.93 -1.67
CA ILE B 414 4.28 14.02 -1.65
C ILE B 414 3.35 14.34 -0.49
N PRO B 415 2.04 14.62 -0.74
CA PRO B 415 1.15 14.96 0.36
C PRO B 415 0.82 13.69 1.09
N GLU B 416 0.22 13.76 2.26
CA GLU B 416 -0.27 12.54 2.90
C GLU B 416 -1.68 12.13 2.42
N TRP B 417 -1.94 10.82 2.40
CA TRP B 417 -3.25 10.40 1.95
C TRP B 417 -3.78 9.14 2.64
N GLU B 418 -5.09 9.03 2.64
CA GLU B 418 -5.77 7.83 3.05
C GLU B 418 -6.82 7.49 2.01
N PHE B 419 -7.42 6.31 2.12
CA PHE B 419 -8.35 5.81 1.10
C PHE B 419 -9.81 5.71 1.61
N VAL B 420 -10.75 6.25 0.86
CA VAL B 420 -12.12 6.35 1.37
C VAL B 420 -13.11 5.88 0.37
N ASN B 421 -14.36 5.86 0.80
CA ASN B 421 -15.48 5.36 0.02
C ASN B 421 -16.54 6.40 -0.19
N THR B 422 -16.28 7.32 -1.12
CA THR B 422 -17.17 8.46 -1.38
C THR B 422 -18.65 8.10 -1.14
N PRO B 423 -19.27 8.76 -0.13
CA PRO B 423 -20.72 8.76 0.05
C PRO B 423 -21.46 9.07 -1.24
N PRO B 424 -22.59 8.38 -1.44
CA PRO B 424 -23.53 8.44 -2.57
C PRO B 424 -24.01 9.87 -2.88
N LEU B 425 -24.19 10.65 -1.82
CA LEU B 425 -24.88 11.90 -1.90
C LEU B 425 -23.92 13.10 -2.00
N VAL B 426 -22.91 13.10 -1.14
CA VAL B 426 -21.81 14.06 -1.26
C VAL B 426 -21.46 14.35 -2.74
N LYS B 427 -21.47 13.30 -3.58
CA LYS B 427 -21.23 13.47 -5.03
C LYS B 427 -22.23 14.45 -5.65
N LEU B 428 -23.54 14.18 -5.56
CA LEU B 428 -24.53 15.02 -6.24
C LEU B 428 -24.57 16.42 -5.66
N TRP B 429 -24.50 16.54 -4.34
CA TRP B 429 -24.57 17.82 -3.66
C TRP B 429 -23.48 18.81 -4.09
N TYR B 430 -22.34 18.30 -4.54
CA TYR B 430 -21.26 19.12 -5.08
C TYR B 430 -21.20 19.09 -6.59
N GLN B 431 -22.25 18.53 -7.19
CA GLN B 431 -22.32 18.35 -8.63
C GLN B 431 -22.67 19.68 -9.30
C M14 C . 18.66 -24.28 -15.16
C1 M14 C . 19.40 -24.27 -16.36
C2 M14 C . 20.40 -25.21 -16.59
C3 M14 C . 20.66 -26.16 -15.58
C4 M14 C . 19.95 -26.15 -14.40
C5 M14 C . 18.94 -25.22 -14.21
C6 M14 C . 19.03 -21.04 -10.82
C7 M14 C . 19.67 -19.91 -11.23
C8 M14 C . 19.20 -19.33 -12.39
C9 M14 C . 18.11 -19.87 -13.13
C10 M14 C . 17.48 -21.04 -12.68
C11 M14 C . 17.98 -21.62 -11.51
C12 M14 C . 18.38 -22.82 -6.49
C13 M14 C . 19.04 -22.72 -7.70
C14 M14 C . 18.81 -21.62 -8.52
C15 M14 C . 17.91 -20.63 -8.15
C16 M14 C . 17.27 -20.79 -6.93
C17 M14 C . 17.49 -21.86 -6.08
CL M14 C . 18.65 -24.16 -5.45
O M14 C . 19.53 -21.58 -9.68
CL1 M14 C . 20.02 -17.86 -12.81
O19 M14 C . 16.43 -21.78 -13.22
C20 M14 C . 16.03 -21.68 -14.58
C21 M14 C . 17.11 -22.34 -15.42
N M14 C . 17.63 -23.41 -14.76
O22 M14 C . 17.48 -21.93 -16.49
S M14 C . 21.95 -27.36 -15.75
N23 M14 C . 21.83 -27.89 -17.37
O24 M14 C . 23.11 -26.49 -15.57
O25 M14 C . 21.66 -28.43 -14.80
CL2 M14 C . 18.00 -25.20 -12.76
C27 M14 C . 16.37 -19.87 -6.48
N28 M14 C . 15.82 -19.00 -6.03
#